data_3U27
#
_entry.id   3U27
#
_cell.length_a   100.854
_cell.length_b   105.644
_cell.length_c   101.551
_cell.angle_alpha   90.00
_cell.angle_beta   90.06
_cell.angle_gamma   90.00
#
_symmetry.space_group_name_H-M   'P 1 21 1'
#
loop_
_entity.id
_entity.type
_entity.pdbx_description
1 polymer 'Microcompartments protein'
2 non-polymer 'CALCIUM ION'
3 non-polymer GLYCEROL
4 non-polymer 'SODIUM ION'
5 water water
#
_entity_poly.entity_id   1
_entity_poly.type   'polypeptide(L)'
_entity_poly.pdbx_seq_one_letter_code
;SNA(MSE)KGDRLKANVLAVRLIPNVDSD(MSE)AKELGLPNEHRSIGILTADCDDVTYTALDEATKKAVVDVAYGKSFY
GGAANANTKLAGEVIGILSGPTPAEVKSGLAAAVDFIENEAAFISANDDDSIAYFAHCISRTGTYLSKTAGIPEGESLAY
LIAPPLEA(MSE)YALDVALKAADVRLVAFYGPPSETNFGGGLLTGSQSACKAACDAFAEAVKFVADNPLNY
;
_entity_poly.pdbx_strand_id   C,A,B,D,E,F
#
# COMPACT_ATOMS: atom_id res chain seq x y z
N ALA A 3 -28.21 -2.58 -2.99
CA ALA A 3 -27.79 -1.28 -2.47
C ALA A 3 -28.83 -0.73 -1.50
N LYS A 5 -30.25 2.62 1.00
CA LYS A 5 -30.39 4.06 0.88
C LYS A 5 -29.06 4.75 1.19
N GLY A 6 -28.67 5.69 0.34
CA GLY A 6 -27.44 6.45 0.53
C GLY A 6 -26.21 5.78 -0.06
N ASP A 7 -26.36 4.56 -0.56
CA ASP A 7 -25.23 3.86 -1.17
C ASP A 7 -24.88 4.41 -2.55
N ARG A 8 -23.57 4.45 -2.82
CA ARG A 8 -23.10 4.83 -4.15
CA ARG A 8 -23.07 4.81 -4.15
C ARG A 8 -23.30 3.66 -5.11
N LEU A 9 -23.78 3.97 -6.31
CA LEU A 9 -23.99 2.96 -7.33
C LEU A 9 -22.85 3.07 -8.33
N LYS A 10 -21.98 2.08 -8.33
CA LYS A 10 -20.78 2.15 -9.13
C LYS A 10 -21.08 2.06 -10.62
N ALA A 11 -20.43 2.93 -11.41
CA ALA A 11 -20.57 2.90 -12.86
C ALA A 11 -19.45 2.06 -13.44
N ASN A 12 -19.71 1.47 -14.61
CA ASN A 12 -18.78 0.53 -15.24
C ASN A 12 -18.53 0.87 -16.69
N VAL A 13 -17.27 0.84 -17.10
CA VAL A 13 -16.94 0.96 -18.51
C VAL A 13 -17.04 -0.43 -19.14
N LEU A 14 -17.77 -0.52 -20.25
CA LEU A 14 -18.05 -1.82 -20.88
C LEU A 14 -17.14 -2.14 -22.05
N ALA A 15 -16.75 -1.13 -22.83
CA ALA A 15 -15.85 -1.37 -23.96
C ALA A 15 -15.13 -0.08 -24.30
N VAL A 16 -13.94 -0.21 -24.87
CA VAL A 16 -13.13 0.95 -25.25
C VAL A 16 -12.35 0.58 -26.49
N ARG A 17 -12.22 1.52 -27.43
CA ARG A 17 -11.35 1.30 -28.59
C ARG A 17 -10.65 2.58 -28.97
N LEU A 18 -9.37 2.48 -29.34
CA LEU A 18 -8.62 3.62 -29.82
C LEU A 18 -8.38 3.46 -31.33
N ILE A 19 -8.68 4.50 -32.11
CA ILE A 19 -8.42 4.49 -33.55
C ILE A 19 -7.40 5.59 -33.87
N PRO A 20 -6.16 5.20 -34.15
CA PRO A 20 -5.05 6.15 -34.36
C PRO A 20 -5.23 7.06 -35.56
N ASN A 21 -5.86 6.55 -36.62
CA ASN A 21 -6.03 7.32 -37.84
C ASN A 21 -7.36 7.07 -38.51
N VAL A 22 -8.36 7.85 -38.09
CA VAL A 22 -9.73 7.58 -38.50
C VAL A 22 -9.92 7.91 -39.99
N ASP A 23 -10.83 7.19 -40.63
CA ASP A 23 -11.14 7.46 -42.03
C ASP A 23 -11.69 8.88 -42.20
N SER A 24 -11.35 9.52 -43.31
CA SER A 24 -11.78 10.90 -43.52
C SER A 24 -13.30 11.08 -43.64
N ASP A 25 -14.02 10.08 -44.16
CA ASP A 25 -15.49 10.16 -44.17
C ASP A 25 -16.01 10.24 -42.74
N ALA A 27 -14.33 11.26 -40.04
CA ALA A 27 -13.90 12.54 -39.47
C ALA A 27 -14.90 13.62 -39.87
N LYS A 28 -15.31 13.58 -41.13
CA LYS A 28 -16.30 14.55 -41.62
C LYS A 28 -17.62 14.42 -40.88
N GLU A 29 -18.16 13.21 -40.80
CA GLU A 29 -19.44 12.99 -40.12
C GLU A 29 -19.40 13.41 -38.66
N LEU A 30 -18.26 13.18 -38.01
CA LEU A 30 -18.14 13.52 -36.59
C LEU A 30 -17.77 15.00 -36.43
N GLY A 31 -17.45 15.66 -37.54
CA GLY A 31 -17.05 17.06 -37.50
C GLY A 31 -15.84 17.30 -36.61
N LEU A 32 -14.81 16.50 -36.81
CA LEU A 32 -13.61 16.59 -35.97
C LEU A 32 -12.82 17.88 -36.21
N PRO A 33 -12.23 18.45 -35.14
CA PRO A 33 -11.38 19.64 -35.24
C PRO A 33 -10.21 19.43 -36.18
N ASN A 34 -9.60 20.53 -36.63
CA ASN A 34 -8.41 20.47 -37.46
C ASN A 34 -7.29 19.67 -36.79
N GLU A 35 -6.66 18.79 -37.56
CA GLU A 35 -5.54 17.97 -37.07
C GLU A 35 -5.93 16.83 -36.13
N HIS A 36 -7.22 16.65 -35.86
CA HIS A 36 -7.64 15.55 -34.99
C HIS A 36 -7.87 14.29 -35.80
N ARG A 37 -6.84 13.46 -35.92
CA ARG A 37 -6.94 12.26 -36.74
C ARG A 37 -7.19 11.00 -35.90
N SER A 38 -7.05 11.12 -34.57
CA SER A 38 -7.25 9.98 -33.68
C SER A 38 -8.55 10.14 -32.91
N ILE A 39 -9.30 9.05 -32.74
CA ILE A 39 -10.44 9.07 -31.84
C ILE A 39 -10.40 7.90 -30.85
N GLY A 40 -11.09 8.07 -29.73
CA GLY A 40 -11.18 7.05 -28.71
C GLY A 40 -12.65 6.91 -28.38
N ILE A 41 -13.13 5.67 -28.38
CA ILE A 41 -14.55 5.43 -28.19
C ILE A 41 -14.74 4.63 -26.93
N LEU A 42 -15.77 4.94 -26.15
CA LEU A 42 -16.08 4.10 -25.00
C LEU A 42 -17.57 4.01 -24.76
N THR A 43 -18.01 2.90 -24.19
CA THR A 43 -19.39 2.76 -23.73
C THR A 43 -19.36 2.45 -22.24
N ALA A 44 -20.41 2.85 -21.55
CA ALA A 44 -20.48 2.67 -20.11
C ALA A 44 -21.94 2.49 -19.70
N ASP A 45 -22.16 2.04 -18.48
CA ASP A 45 -23.53 1.80 -18.03
C ASP A 45 -24.15 2.97 -17.25
N CYS A 46 -23.53 4.15 -17.28
CA CYS A 46 -24.14 5.31 -16.61
C CYS A 46 -23.84 6.60 -17.36
N ASP A 47 -24.86 7.22 -17.94
CA ASP A 47 -24.60 8.34 -18.85
C ASP A 47 -24.05 9.61 -18.19
N ASP A 48 -24.71 10.12 -17.15
CA ASP A 48 -24.25 11.40 -16.59
C ASP A 48 -22.88 11.33 -15.91
N VAL A 49 -22.55 10.18 -15.31
CA VAL A 49 -21.20 9.95 -14.81
C VAL A 49 -20.20 10.02 -15.97
N THR A 50 -20.57 9.44 -17.09
CA THR A 50 -19.70 9.41 -18.27
C THR A 50 -19.50 10.83 -18.85
N TYR A 51 -20.56 11.64 -18.89
CA TYR A 51 -20.41 12.99 -19.42
C TYR A 51 -19.47 13.80 -18.54
N THR A 52 -19.59 13.62 -17.24
CA THR A 52 -18.68 14.28 -16.30
C THR A 52 -17.24 13.81 -16.53
N ALA A 53 -17.10 12.53 -16.84
CA ALA A 53 -15.80 11.90 -17.10
C ALA A 53 -15.17 12.39 -18.40
N LEU A 54 -15.99 12.58 -19.43
CA LEU A 54 -15.48 13.09 -20.69
C LEU A 54 -15.00 14.51 -20.50
N ASP A 55 -15.74 15.28 -19.71
CA ASP A 55 -15.34 16.65 -19.39
C ASP A 55 -14.02 16.64 -18.64
N GLU A 56 -13.87 15.70 -17.70
CA GLU A 56 -12.61 15.55 -16.97
C GLU A 56 -11.43 15.25 -17.90
N ALA A 57 -11.66 14.38 -18.89
CA ALA A 57 -10.61 14.07 -19.86
C ALA A 57 -10.07 15.31 -20.58
N THR A 58 -10.93 16.29 -20.86
CA THR A 58 -10.47 17.49 -21.56
C THR A 58 -9.54 18.32 -20.68
N LYS A 59 -9.60 18.09 -19.37
CA LYS A 59 -8.72 18.81 -18.44
C LYS A 59 -7.37 18.14 -18.34
N LYS A 60 -7.35 16.83 -18.56
CA LYS A 60 -6.15 16.02 -18.35
C LYS A 60 -5.34 15.73 -19.60
N ALA A 61 -5.88 15.96 -20.79
CA ALA A 61 -5.19 15.57 -22.00
C ALA A 61 -5.57 16.51 -23.14
N VAL A 62 -4.84 16.44 -24.24
CA VAL A 62 -5.16 17.27 -25.40
C VAL A 62 -6.24 16.55 -26.23
N VAL A 63 -7.48 16.64 -25.75
CA VAL A 63 -8.59 15.97 -26.42
C VAL A 63 -9.81 16.86 -26.38
N ASP A 64 -10.72 16.62 -27.31
CA ASP A 64 -12.01 17.28 -27.36
C ASP A 64 -13.07 16.19 -27.34
N VAL A 65 -14.24 16.48 -26.79
CA VAL A 65 -15.34 15.53 -26.85
C VAL A 65 -16.05 15.68 -28.19
N ALA A 66 -15.99 14.63 -29.00
CA ALA A 66 -16.54 14.69 -30.36
C ALA A 66 -17.98 14.19 -30.40
N TYR A 67 -18.37 13.40 -29.42
CA TYR A 67 -19.67 12.72 -29.47
C TYR A 67 -20.00 12.23 -28.07
N GLY A 68 -21.25 12.40 -27.66
CA GLY A 68 -21.69 11.89 -26.36
C GLY A 68 -23.20 11.76 -26.40
N LYS A 69 -23.70 10.52 -26.40
CA LYS A 69 -25.17 10.32 -26.48
C LYS A 69 -25.65 9.20 -25.58
N SER A 70 -26.86 9.39 -25.04
CA SER A 70 -27.51 8.42 -24.15
C SER A 70 -28.48 7.50 -24.89
N PHE A 71 -28.67 6.29 -24.37
CA PHE A 71 -29.44 5.25 -25.07
C PHE A 71 -30.83 5.09 -24.47
N TYR A 72 -31.80 4.83 -25.34
CA TYR A 72 -33.21 4.81 -24.93
C TYR A 72 -33.52 3.74 -23.89
N GLY A 73 -34.08 4.19 -22.78
CA GLY A 73 -34.50 3.29 -21.71
C GLY A 73 -33.45 3.02 -20.65
N GLY A 74 -32.21 3.46 -20.89
CA GLY A 74 -31.16 3.30 -19.90
C GLY A 74 -30.59 1.88 -19.80
N ALA A 75 -29.59 1.71 -18.95
CA ALA A 75 -28.85 0.46 -18.88
C ALA A 75 -29.76 -0.71 -18.52
N ALA A 76 -30.80 -0.48 -17.73
CA ALA A 76 -31.65 -1.58 -17.29
C ALA A 76 -32.39 -2.21 -18.48
N ASN A 77 -32.48 -1.46 -19.58
CA ASN A 77 -33.17 -1.91 -20.77
C ASN A 77 -32.21 -2.25 -21.91
N ALA A 78 -30.90 -2.29 -21.64
CA ALA A 78 -29.94 -2.57 -22.70
C ALA A 78 -30.25 -3.91 -23.38
N ASN A 79 -30.08 -3.98 -24.70
CA ASN A 79 -30.48 -5.20 -25.41
C ASN A 79 -29.29 -5.90 -26.03
N THR A 80 -28.09 -5.36 -25.82
CA THR A 80 -26.84 -6.07 -26.13
C THR A 80 -25.82 -5.87 -25.00
N LYS A 81 -24.80 -6.72 -25.00
CA LYS A 81 -23.85 -6.84 -23.89
C LYS A 81 -23.03 -5.57 -23.64
N LEU A 82 -22.57 -4.92 -24.71
CA LEU A 82 -21.63 -3.81 -24.56
C LEU A 82 -22.26 -2.43 -24.73
N ALA A 83 -23.58 -2.36 -24.88
CA ALA A 83 -24.24 -1.08 -25.10
C ALA A 83 -24.28 -0.17 -23.87
N GLY A 84 -24.68 -0.71 -22.72
CA GLY A 84 -24.79 0.13 -21.53
C GLY A 84 -25.86 1.18 -21.77
N GLU A 85 -25.59 2.44 -21.43
CA GLU A 85 -26.54 3.48 -21.78
C GLU A 85 -25.91 4.75 -22.33
N VAL A 86 -24.64 4.68 -22.71
CA VAL A 86 -23.98 5.88 -23.23
C VAL A 86 -22.78 5.52 -24.09
N ILE A 87 -22.54 6.34 -25.10
CA ILE A 87 -21.31 6.25 -25.88
C ILE A 87 -20.64 7.63 -25.89
N GLY A 88 -19.33 7.65 -25.68
CA GLY A 88 -18.57 8.87 -25.74
C GLY A 88 -17.45 8.70 -26.73
N ILE A 89 -17.12 9.77 -27.46
CA ILE A 89 -15.97 9.73 -28.34
C ILE A 89 -15.11 10.96 -28.09
N LEU A 90 -13.83 10.73 -27.83
CA LEU A 90 -12.84 11.78 -27.71
C LEU A 90 -12.04 11.86 -29.01
N SER A 91 -11.61 13.05 -29.39
CA SER A 91 -10.71 13.18 -30.53
C SER A 91 -9.48 13.94 -30.09
N GLY A 92 -8.37 13.72 -30.77
CA GLY A 92 -7.17 14.46 -30.44
C GLY A 92 -6.17 14.41 -31.57
N PRO A 93 -5.12 15.24 -31.47
CA PRO A 93 -4.11 15.36 -32.54
C PRO A 93 -3.19 14.14 -32.67
N THR A 94 -3.03 13.36 -31.61
CA THR A 94 -2.18 12.18 -31.66
C THR A 94 -2.84 11.06 -30.89
N PRO A 95 -2.46 9.81 -31.19
CA PRO A 95 -2.96 8.64 -30.46
C PRO A 95 -2.53 8.68 -29.00
N ALA A 96 -1.32 9.17 -28.72
CA ALA A 96 -0.87 9.28 -27.35
C ALA A 96 -1.78 10.18 -26.50
N GLU A 97 -2.21 11.31 -27.06
CA GLU A 97 -3.09 12.18 -26.30
C GLU A 97 -4.47 11.56 -26.16
N VAL A 98 -4.98 10.91 -27.20
CA VAL A 98 -6.29 10.28 -27.07
C VAL A 98 -6.24 9.14 -26.03
N LYS A 99 -5.18 8.34 -26.05
CA LYS A 99 -5.02 7.29 -25.06
C LYS A 99 -5.02 7.84 -23.64
N SER A 100 -4.36 8.97 -23.44
CA SER A 100 -4.35 9.66 -22.14
C SER A 100 -5.75 10.14 -21.75
N GLY A 101 -6.49 10.70 -22.71
CA GLY A 101 -7.86 11.14 -22.46
C GLY A 101 -8.74 9.97 -22.07
N LEU A 102 -8.60 8.85 -22.77
CA LEU A 102 -9.36 7.65 -22.41
C LEU A 102 -9.02 7.16 -21.00
N ALA A 103 -7.74 7.19 -20.66
CA ALA A 103 -7.32 6.76 -19.33
C ALA A 103 -8.01 7.60 -18.26
N ALA A 104 -8.07 8.91 -18.50
CA ALA A 104 -8.70 9.84 -17.57
C ALA A 104 -10.19 9.54 -17.46
N ALA A 105 -10.83 9.35 -18.60
CA ALA A 105 -12.29 9.12 -18.60
C ALA A 105 -12.65 7.81 -17.90
N VAL A 106 -11.92 6.74 -18.23
CA VAL A 106 -12.19 5.44 -17.62
C VAL A 106 -11.95 5.46 -16.12
N ASP A 107 -10.85 6.07 -15.72
CA ASP A 107 -10.54 6.19 -14.29
C ASP A 107 -11.64 6.97 -13.55
N PHE A 108 -12.17 8.00 -14.19
CA PHE A 108 -13.19 8.84 -13.55
C PHE A 108 -14.50 8.04 -13.44
N ILE A 109 -14.89 7.40 -14.52
CA ILE A 109 -16.15 6.68 -14.54
C ILE A 109 -16.20 5.64 -13.44
N GLU A 110 -15.09 4.94 -13.26
CA GLU A 110 -15.08 3.79 -12.35
C GLU A 110 -14.86 4.18 -10.89
N ASN A 111 -14.36 5.39 -10.64
CA ASN A 111 -13.91 5.77 -9.29
C ASN A 111 -14.39 7.11 -8.71
N GLU A 112 -14.81 8.05 -9.54
CA GLU A 112 -14.89 9.44 -9.09
C GLU A 112 -16.28 10.08 -9.00
N ALA A 113 -17.26 9.47 -9.64
CA ALA A 113 -18.60 10.06 -9.64
C ALA A 113 -19.55 8.90 -9.64
N ALA A 114 -20.70 9.06 -8.98
CA ALA A 114 -21.66 7.97 -8.94
C ALA A 114 -23.04 8.46 -8.61
N PHE A 115 -24.04 7.79 -9.14
CA PHE A 115 -25.41 8.00 -8.68
C PHE A 115 -25.51 7.43 -7.27
N ILE A 116 -26.49 7.90 -6.52
CA ILE A 116 -26.71 7.44 -5.15
C ILE A 116 -28.13 6.93 -5.01
N SER A 117 -28.31 5.82 -4.30
CA SER A 117 -29.65 5.27 -4.11
C SER A 117 -30.45 6.11 -3.13
N ALA A 118 -31.69 6.41 -3.48
CA ALA A 118 -32.55 7.25 -2.65
C ALA A 118 -33.52 6.44 -1.78
N ASN A 119 -33.54 5.13 -1.94
CA ASN A 119 -34.42 4.29 -1.13
C ASN A 119 -33.82 2.93 -0.82
N ASP A 120 -34.58 2.10 -0.13
CA ASP A 120 -34.03 0.86 0.39
C ASP A 120 -34.01 -0.31 -0.59
N ASP A 121 -34.77 -0.23 -1.68
CA ASP A 121 -34.77 -1.33 -2.65
C ASP A 121 -34.09 -0.95 -3.95
N ASP A 122 -33.34 0.14 -3.93
CA ASP A 122 -32.51 0.51 -5.06
C ASP A 122 -33.38 0.78 -6.31
N SER A 123 -34.49 1.47 -6.15
CA SER A 123 -35.38 1.70 -7.28
C SER A 123 -35.55 3.18 -7.60
N ILE A 124 -34.91 4.02 -6.80
CA ILE A 124 -34.83 5.44 -7.10
C ILE A 124 -33.40 5.86 -6.81
N ALA A 125 -32.78 6.59 -7.74
CA ALA A 125 -31.41 7.05 -7.57
C ALA A 125 -31.24 8.44 -8.17
N TYR A 126 -30.24 9.18 -7.70
CA TYR A 126 -30.00 10.53 -8.20
C TYR A 126 -28.50 10.79 -8.35
N PHE A 127 -28.18 11.79 -9.15
CA PHE A 127 -26.83 12.28 -9.34
C PHE A 127 -26.84 13.71 -8.81
N ALA A 128 -25.91 14.03 -7.92
CA ALA A 128 -25.79 15.39 -7.41
C ALA A 128 -24.31 15.64 -7.26
N HIS A 129 -23.67 15.93 -8.40
CA HIS A 129 -22.23 16.02 -8.45
C HIS A 129 -21.76 17.46 -8.60
N CYS A 130 -20.85 17.88 -7.71
CA CYS A 130 -20.31 19.23 -7.78
C CYS A 130 -18.98 19.21 -8.53
N ILE A 131 -18.96 19.85 -9.69
CA ILE A 131 -17.74 20.01 -10.47
C ILE A 131 -17.06 21.32 -10.10
N SER A 132 -15.90 21.25 -9.44
CA SER A 132 -15.20 22.45 -9.00
C SER A 132 -14.79 23.36 -10.15
N ARG A 133 -14.19 22.77 -11.17
CA ARG A 133 -13.79 23.50 -12.37
C ARG A 133 -14.12 22.69 -13.62
N THR A 134 -15.02 23.20 -14.45
CA THR A 134 -15.41 22.50 -15.67
C THR A 134 -14.26 22.46 -16.68
N GLY A 135 -14.24 21.41 -17.49
CA GLY A 135 -13.38 21.35 -18.66
C GLY A 135 -14.10 22.04 -19.82
N THR A 136 -13.79 21.60 -21.04
CA THR A 136 -14.29 22.30 -22.22
C THR A 136 -15.65 21.80 -22.66
N TYR A 137 -16.02 20.62 -22.19
CA TYR A 137 -17.23 19.97 -22.69
C TYR A 137 -18.48 20.46 -21.94
N LEU A 138 -18.46 20.36 -20.61
CA LEU A 138 -19.63 20.79 -19.84
C LEU A 138 -19.79 22.32 -19.79
N SER A 139 -18.69 23.05 -19.88
CA SER A 139 -18.79 24.51 -19.97
C SER A 139 -19.44 24.92 -21.28
N LYS A 140 -19.05 24.29 -22.37
CA LYS A 140 -19.71 24.53 -23.65
C LYS A 140 -21.20 24.14 -23.60
N THR A 141 -21.48 22.99 -23.02
CA THR A 141 -22.86 22.53 -22.84
C THR A 141 -23.70 23.55 -22.06
N ALA A 142 -23.12 24.09 -20.99
CA ALA A 142 -23.82 25.01 -20.11
C ALA A 142 -23.80 26.44 -20.63
N GLY A 143 -23.01 26.70 -21.67
CA GLY A 143 -22.89 28.04 -22.22
C GLY A 143 -22.17 28.99 -21.27
N ILE A 144 -21.26 28.46 -20.47
CA ILE A 144 -20.49 29.28 -19.53
C ILE A 144 -19.00 29.17 -19.82
N PRO A 145 -18.20 30.11 -19.29
CA PRO A 145 -16.74 30.08 -19.47
C PRO A 145 -16.13 28.80 -18.94
N GLU A 146 -15.18 28.22 -19.68
CA GLU A 146 -14.42 27.09 -19.18
C GLU A 146 -13.89 27.41 -17.78
N GLY A 147 -13.97 26.42 -16.90
CA GLY A 147 -13.40 26.56 -15.57
C GLY A 147 -14.39 26.98 -14.51
N GLU A 148 -15.59 27.40 -14.91
CA GLU A 148 -16.61 27.74 -13.91
C GLU A 148 -17.07 26.48 -13.19
N SER A 149 -17.65 26.63 -12.01
CA SER A 149 -18.20 25.50 -11.28
C SER A 149 -19.61 25.15 -11.77
N LEU A 150 -20.02 23.92 -11.51
CA LEU A 150 -21.31 23.42 -11.94
C LEU A 150 -21.86 22.48 -10.87
N ALA A 151 -23.16 22.52 -10.66
CA ALA A 151 -23.86 21.46 -9.96
C ALA A 151 -24.58 20.65 -11.05
N TYR A 152 -24.28 19.36 -11.13
CA TYR A 152 -24.83 18.48 -12.15
C TYR A 152 -25.89 17.64 -11.42
N LEU A 153 -27.17 17.94 -11.66
CA LEU A 153 -28.25 17.40 -10.84
C LEU A 153 -29.21 16.58 -11.69
N ILE A 154 -29.34 15.30 -11.39
CA ILE A 154 -30.17 14.40 -12.21
C ILE A 154 -30.98 13.47 -11.30
N ALA A 155 -32.23 13.23 -11.65
CA ALA A 155 -33.06 12.28 -10.90
C ALA A 155 -34.20 11.83 -11.80
N PRO A 156 -35.00 10.86 -11.34
CA PRO A 156 -36.14 10.47 -12.19
C PRO A 156 -37.10 11.67 -12.32
N PRO A 157 -38.02 11.62 -13.29
CA PRO A 157 -38.75 12.79 -13.82
C PRO A 157 -39.39 13.74 -12.78
N LEU A 158 -40.28 13.24 -11.93
CA LEU A 158 -40.96 14.15 -11.00
C LEU A 158 -39.98 14.62 -9.93
N GLU A 159 -39.20 13.68 -9.40
CA GLU A 159 -38.22 14.02 -8.38
C GLU A 159 -37.29 15.12 -8.88
N ALA A 160 -36.88 15.03 -10.15
CA ALA A 160 -35.94 15.98 -10.73
C ALA A 160 -36.52 17.38 -10.77
N TYR A 162 -39.10 18.69 -9.04
CA TYR A 162 -39.31 19.21 -7.69
C TYR A 162 -37.99 19.58 -7.03
N ALA A 163 -37.01 18.69 -7.13
CA ALA A 163 -35.73 18.89 -6.46
C ALA A 163 -34.88 19.98 -7.12
N LEU A 164 -35.00 20.13 -8.43
CA LEU A 164 -34.27 21.20 -9.12
C LEU A 164 -34.75 22.58 -8.62
N ASP A 165 -36.06 22.72 -8.42
CA ASP A 165 -36.60 23.95 -7.86
C ASP A 165 -36.07 24.21 -6.44
N VAL A 166 -36.04 23.16 -5.62
CA VAL A 166 -35.49 23.30 -4.27
C VAL A 166 -34.03 23.73 -4.29
N ALA A 167 -33.28 23.19 -5.24
CA ALA A 167 -31.86 23.49 -5.35
C ALA A 167 -31.63 24.94 -5.78
N LEU A 168 -32.45 25.42 -6.72
CA LEU A 168 -32.34 26.81 -7.16
C LEU A 168 -32.63 27.78 -6.01
N LYS A 169 -33.45 27.34 -5.05
CA LYS A 169 -33.77 28.19 -3.91
C LYS A 169 -32.75 28.09 -2.77
N ALA A 170 -31.85 27.11 -2.85
CA ALA A 170 -30.97 26.81 -1.73
C ALA A 170 -29.69 27.65 -1.72
N ALA A 171 -29.38 28.30 -2.83
CA ALA A 171 -28.15 29.05 -2.91
C ALA A 171 -28.16 30.03 -4.08
N ASP A 172 -27.13 30.86 -4.15
CA ASP A 172 -27.04 31.83 -5.23
C ASP A 172 -26.54 31.14 -6.49
N VAL A 173 -27.43 30.39 -7.13
CA VAL A 173 -27.09 29.64 -8.34
C VAL A 173 -28.02 30.02 -9.47
N ARG A 174 -27.62 29.67 -10.69
CA ARG A 174 -28.39 30.02 -11.87
C ARG A 174 -28.53 28.77 -12.73
N LEU A 175 -29.72 28.53 -13.26
CA LEU A 175 -29.95 27.41 -14.16
C LEU A 175 -29.30 27.68 -15.52
N VAL A 176 -28.36 26.84 -15.95
CA VAL A 176 -27.69 27.07 -17.23
C VAL A 176 -27.89 25.97 -18.28
N ALA A 177 -28.38 24.82 -17.85
CA ALA A 177 -28.92 23.84 -18.79
C ALA A 177 -30.09 23.14 -18.14
N PHE A 178 -31.17 22.97 -18.91
CA PHE A 178 -32.37 22.35 -18.38
C PHE A 178 -32.66 21.06 -19.11
N TYR A 179 -32.74 19.96 -18.37
CA TYR A 179 -33.04 18.66 -18.95
C TYR A 179 -34.45 18.25 -18.56
N GLY A 180 -35.44 18.80 -19.24
CA GLY A 180 -36.82 18.41 -19.01
C GLY A 180 -37.00 16.95 -19.33
N PRO A 181 -37.65 16.19 -18.42
CA PRO A 181 -37.77 14.77 -18.70
C PRO A 181 -38.80 14.53 -19.81
N PRO A 182 -38.61 13.44 -20.56
CA PRO A 182 -37.55 12.46 -20.32
C PRO A 182 -36.26 12.73 -21.12
N SER A 183 -35.12 12.48 -20.49
CA SER A 183 -33.91 12.22 -21.27
C SER A 183 -34.09 10.85 -21.94
N GLU A 184 -33.13 10.41 -22.75
CA GLU A 184 -33.24 9.09 -23.35
C GLU A 184 -33.38 7.97 -22.31
N THR A 185 -32.74 8.16 -21.16
CA THR A 185 -32.83 7.17 -20.09
C THR A 185 -34.05 7.37 -19.16
N ASN A 186 -34.91 8.32 -19.51
CA ASN A 186 -36.11 8.60 -18.72
C ASN A 186 -35.79 9.24 -17.35
N PHE A 187 -34.74 10.06 -17.34
CA PHE A 187 -34.44 10.90 -16.20
C PHE A 187 -34.63 12.38 -16.57
N GLY A 188 -34.35 13.27 -15.63
CA GLY A 188 -34.43 14.69 -15.90
C GLY A 188 -33.51 15.42 -14.92
N GLY A 189 -33.43 16.74 -15.02
CA GLY A 189 -32.61 17.51 -14.12
C GLY A 189 -32.08 18.75 -14.78
N GLY A 190 -30.84 19.11 -14.46
CA GLY A 190 -30.25 20.29 -15.05
C GLY A 190 -28.87 20.58 -14.53
N LEU A 191 -28.23 21.58 -15.13
CA LEU A 191 -26.94 22.08 -14.68
C LEU A 191 -27.12 23.48 -14.13
N LEU A 192 -26.58 23.71 -12.94
CA LEU A 192 -26.60 25.00 -12.26
C LEU A 192 -25.18 25.50 -12.15
N THR A 193 -24.98 26.82 -12.21
CA THR A 193 -23.65 27.38 -11.96
C THR A 193 -23.71 28.46 -10.89
N GLY A 194 -22.56 28.79 -10.33
CA GLY A 194 -22.45 29.74 -9.25
C GLY A 194 -21.04 29.57 -8.70
N SER A 195 -20.77 30.06 -7.50
CA SER A 195 -19.49 29.80 -6.87
C SER A 195 -19.47 28.33 -6.51
N GLN A 196 -18.28 27.79 -6.25
CA GLN A 196 -18.16 26.39 -5.89
C GLN A 196 -19.01 26.06 -4.68
N SER A 197 -18.97 26.92 -3.67
CA SER A 197 -19.72 26.63 -2.44
C SER A 197 -21.25 26.70 -2.66
N ALA A 198 -21.69 27.56 -3.57
CA ALA A 198 -23.11 27.67 -3.88
C ALA A 198 -23.57 26.42 -4.62
N CYS A 199 -22.73 25.95 -5.55
CA CYS A 199 -23.02 24.73 -6.29
C CYS A 199 -23.14 23.54 -5.34
N LYS A 200 -22.24 23.46 -4.38
CA LYS A 200 -22.28 22.38 -3.39
C LYS A 200 -23.54 22.44 -2.54
N ALA A 201 -23.93 23.64 -2.13
CA ALA A 201 -25.16 23.83 -1.36
C ALA A 201 -26.37 23.37 -2.18
N ALA A 202 -26.35 23.70 -3.47
CA ALA A 202 -27.42 23.25 -4.37
C ALA A 202 -27.46 21.72 -4.46
N CYS A 203 -26.29 21.10 -4.60
CA CYS A 203 -26.21 19.63 -4.64
C CYS A 203 -26.80 18.99 -3.39
N ASP A 204 -26.42 19.51 -2.22
CA ASP A 204 -26.92 18.97 -0.97
C ASP A 204 -28.43 19.10 -0.89
N ALA A 205 -28.95 20.24 -1.31
CA ALA A 205 -30.38 20.48 -1.24
C ALA A 205 -31.13 19.58 -2.23
N PHE A 206 -30.54 19.35 -3.39
CA PHE A 206 -31.15 18.52 -4.43
C PHE A 206 -31.30 17.09 -3.92
N ALA A 207 -30.22 16.56 -3.37
CA ALA A 207 -30.19 15.23 -2.79
C ALA A 207 -31.25 15.03 -1.70
N GLU A 208 -31.32 15.96 -0.77
CA GLU A 208 -32.31 15.87 0.31
C GLU A 208 -33.73 15.89 -0.26
N ALA A 209 -33.99 16.76 -1.24
CA ALA A 209 -35.30 16.87 -1.85
C ALA A 209 -35.73 15.57 -2.57
N VAL A 210 -34.80 14.95 -3.29
CA VAL A 210 -35.14 13.71 -3.98
C VAL A 210 -35.53 12.63 -2.96
N LYS A 211 -34.76 12.53 -1.88
CA LYS A 211 -35.07 11.55 -0.85
C LYS A 211 -36.43 11.79 -0.21
N PHE A 212 -36.78 13.06 -0.05
CA PHE A 212 -38.07 13.40 0.55
CA PHE A 212 -38.06 13.46 0.52
C PHE A 212 -39.22 12.96 -0.35
N VAL A 213 -39.03 13.06 -1.66
CA VAL A 213 -40.06 12.59 -2.58
C VAL A 213 -40.15 11.08 -2.57
N ALA A 214 -39.00 10.42 -2.59
CA ALA A 214 -38.97 8.96 -2.50
C ALA A 214 -39.72 8.48 -1.25
N ASP A 215 -39.55 9.18 -0.14
CA ASP A 215 -40.17 8.81 1.13
C ASP A 215 -41.68 8.98 1.14
N ASN A 216 -42.18 9.98 0.41
CA ASN A 216 -43.60 10.32 0.45
C ASN A 216 -44.10 10.80 -0.91
N PRO A 217 -44.25 9.87 -1.87
CA PRO A 217 -44.50 10.29 -3.25
C PRO A 217 -45.89 10.86 -3.48
N LEU A 218 -46.87 10.46 -2.68
CA LEU A 218 -48.26 10.80 -2.99
C LEU A 218 -48.86 11.87 -2.08
N ASN A 219 -48.15 12.26 -1.04
CA ASN A 219 -48.62 13.33 -0.15
C ASN A 219 -48.16 14.70 -0.64
N TYR A 220 -49.11 15.50 -1.13
CA TYR A 220 -48.77 16.81 -1.68
C TYR A 220 -49.61 17.94 -1.08
N LYS B 5 31.03 -3.07 -0.59
CA LYS B 5 29.80 -3.68 -1.10
C LYS B 5 29.73 -5.18 -0.84
N GLY B 6 28.58 -5.64 -0.34
CA GLY B 6 28.36 -7.04 -0.04
C GLY B 6 28.89 -7.47 1.32
N ASP B 7 29.56 -6.57 2.01
CA ASP B 7 30.09 -6.86 3.34
C ASP B 7 28.98 -6.94 4.39
N ARG B 8 29.12 -7.86 5.33
N ARG B 8 29.11 -7.90 5.31
CA ARG B 8 28.17 -7.98 6.44
CA ARG B 8 28.21 -7.96 6.46
C ARG B 8 28.49 -6.97 7.55
C ARG B 8 28.52 -6.81 7.40
N LEU B 9 27.48 -6.24 8.00
CA LEU B 9 27.66 -5.19 9.00
C LEU B 9 27.31 -5.78 10.36
N LYS B 10 28.33 -6.04 11.16
CA LYS B 10 28.11 -6.72 12.44
C LYS B 10 27.25 -5.91 13.39
N ALA B 11 26.32 -6.57 14.06
CA ALA B 11 25.52 -5.91 15.08
C ALA B 11 26.14 -6.14 16.46
N ASN B 12 25.90 -5.22 17.39
CA ASN B 12 26.49 -5.31 18.72
C ASN B 12 25.47 -5.15 19.83
N VAL B 13 25.58 -5.98 20.85
CA VAL B 13 24.77 -5.80 22.05
C VAL B 13 25.50 -4.80 22.96
N LEU B 14 24.77 -3.81 23.44
CA LEU B 14 25.38 -2.71 24.21
C LEU B 14 25.23 -2.88 25.71
N ALA B 15 24.11 -3.43 26.15
CA ALA B 15 23.87 -3.59 27.58
C ALA B 15 22.85 -4.69 27.79
N VAL B 16 22.98 -5.39 28.92
CA VAL B 16 22.05 -6.48 29.27
C VAL B 16 21.83 -6.45 30.77
N ARG B 17 20.60 -6.71 31.21
CA ARG B 17 20.34 -6.88 32.62
C ARG B 17 19.29 -7.94 32.87
N LEU B 18 19.50 -8.74 33.91
CA LEU B 18 18.51 -9.75 34.29
C LEU B 18 17.84 -9.33 35.60
N ILE B 19 16.51 -9.34 35.64
CA ILE B 19 15.78 -9.05 36.87
C ILE B 19 15.01 -10.31 37.30
N PRO B 20 15.47 -10.97 38.36
CA PRO B 20 14.91 -12.26 38.79
C PRO B 20 13.48 -12.16 39.29
N ASN B 21 13.13 -11.03 39.88
CA ASN B 21 11.81 -10.86 40.47
C ASN B 21 11.28 -9.46 40.28
N VAL B 22 10.62 -9.22 39.15
CA VAL B 22 10.26 -7.87 38.77
C VAL B 22 9.11 -7.33 39.64
N ASP B 23 9.10 -6.03 39.89
CA ASP B 23 8.04 -5.43 40.68
C ASP B 23 6.68 -5.65 40.03
N SER B 24 5.66 -5.86 40.84
CA SER B 24 4.33 -6.14 40.33
C SER B 24 3.73 -5.01 39.48
N ASP B 25 4.07 -3.75 39.79
CA ASP B 25 3.62 -2.62 38.95
C ASP B 25 4.24 -2.70 37.57
N ALA B 27 5.36 -5.57 36.07
CA ALA B 27 4.77 -6.74 35.44
C ALA B 27 3.43 -6.36 34.81
N LYS B 28 2.66 -5.54 35.51
CA LYS B 28 1.38 -5.10 35.00
C LYS B 28 1.52 -4.22 33.76
N GLU B 29 2.42 -3.25 33.81
CA GLU B 29 2.62 -2.36 32.67
C GLU B 29 3.12 -3.10 31.44
N LEU B 30 3.97 -4.10 31.67
CA LEU B 30 4.51 -4.89 30.57
C LEU B 30 3.52 -5.97 30.13
N GLY B 31 2.49 -6.19 30.95
CA GLY B 31 1.48 -7.21 30.65
C GLY B 31 2.09 -8.61 30.60
N LEU B 32 2.91 -8.93 31.60
CA LEU B 32 3.62 -10.20 31.63
C LEU B 32 2.66 -11.38 31.77
N PRO B 33 2.98 -12.51 31.11
CA PRO B 33 2.17 -13.74 31.22
C PRO B 33 2.13 -14.26 32.65
N ASN B 34 1.21 -15.18 32.91
CA ASN B 34 1.08 -15.77 34.23
C ASN B 34 2.38 -16.48 34.64
N GLU B 35 2.80 -16.26 35.88
CA GLU B 35 3.99 -16.89 36.45
C GLU B 35 5.32 -16.36 35.92
N HIS B 36 5.30 -15.36 35.04
CA HIS B 36 6.54 -14.78 34.55
C HIS B 36 7.01 -13.68 35.48
N ARG B 37 7.86 -14.03 36.43
CA ARG B 37 8.31 -13.07 37.44
C ARG B 37 9.69 -12.51 37.10
N SER B 38 10.35 -13.11 36.12
CA SER B 38 11.71 -12.69 35.75
C SER B 38 11.71 -12.03 34.38
N ILE B 39 12.49 -10.96 34.21
CA ILE B 39 12.66 -10.41 32.87
C ILE B 39 14.14 -10.19 32.55
N GLY B 40 14.44 -10.12 31.26
CA GLY B 40 15.79 -9.87 30.80
C GLY B 40 15.70 -8.75 29.78
N ILE B 41 16.56 -7.74 29.94
CA ILE B 41 16.50 -6.57 29.08
C ILE B 41 17.80 -6.46 28.32
N LEU B 42 17.73 -6.07 27.05
CA LEU B 42 18.95 -5.81 26.30
C LEU B 42 18.76 -4.66 25.33
N THR B 43 19.85 -3.96 25.03
CA THR B 43 19.83 -2.95 23.98
C THR B 43 20.93 -3.32 22.99
N ALA B 44 20.72 -2.94 21.74
CA ALA B 44 21.65 -3.32 20.69
C ALA B 44 21.64 -2.23 19.63
N ASP B 45 22.60 -2.28 18.73
CA ASP B 45 22.71 -1.22 17.73
C ASP B 45 22.08 -1.58 16.37
N CYS B 46 21.33 -2.67 16.32
CA CYS B 46 20.63 -3.00 15.08
C CYS B 46 19.25 -3.63 15.37
N ASP B 47 18.17 -2.94 15.00
CA ASP B 47 16.84 -3.39 15.46
C ASP B 47 16.33 -4.70 14.84
N ASP B 48 16.35 -4.80 13.52
CA ASP B 48 15.77 -5.99 12.90
C ASP B 48 16.55 -7.27 13.19
N VAL B 49 17.88 -7.17 13.27
CA VAL B 49 18.69 -8.28 13.76
C VAL B 49 18.25 -8.69 15.15
N THR B 50 17.97 -7.71 16.00
CA THR B 50 17.57 -7.99 17.38
C THR B 50 16.19 -8.65 17.45
N TYR B 51 15.24 -8.20 16.63
CA TYR B 51 13.92 -8.83 16.62
C TYR B 51 14.02 -10.29 16.19
N THR B 52 14.85 -10.57 15.20
CA THR B 52 15.09 -11.95 14.78
C THR B 52 15.74 -12.76 15.92
N ALA B 53 16.63 -12.11 16.66
CA ALA B 53 17.29 -12.75 17.80
C ALA B 53 16.33 -13.05 18.94
N LEU B 54 15.41 -12.13 19.21
CA LEU B 54 14.43 -12.34 20.27
C LEU B 54 13.53 -13.50 19.91
N ASP B 55 13.22 -13.62 18.63
CA ASP B 55 12.39 -14.71 18.15
C ASP B 55 13.15 -16.03 18.31
N GLU B 56 14.44 -16.00 17.97
CA GLU B 56 15.29 -17.17 18.17
C GLU B 56 15.29 -17.62 19.63
N ALA B 57 15.36 -16.66 20.55
CA ALA B 57 15.39 -17.00 21.98
C ALA B 57 14.14 -17.77 22.42
N THR B 58 12.98 -17.47 21.82
CA THR B 58 11.75 -18.19 22.18
C THR B 58 11.84 -19.66 21.75
N LYS B 59 12.74 -19.96 20.83
CA LYS B 59 12.90 -21.34 20.38
C LYS B 59 13.86 -22.11 21.27
N LYS B 60 14.75 -21.39 21.93
CA LYS B 60 15.81 -22.02 22.71
C LYS B 60 15.56 -22.04 24.21
N ALA B 61 14.60 -21.27 24.71
CA ALA B 61 14.39 -21.20 26.14
C ALA B 61 12.90 -21.01 26.44
N VAL B 62 12.53 -21.18 27.69
CA VAL B 62 11.15 -20.94 28.10
C VAL B 62 10.98 -19.44 28.37
N VAL B 63 10.83 -18.66 27.30
CA VAL B 63 10.70 -17.22 27.40
C VAL B 63 9.69 -16.72 26.39
N ASP B 64 9.11 -15.55 26.68
CA ASP B 64 8.25 -14.83 25.75
C ASP B 64 8.86 -13.47 25.50
N VAL B 65 8.63 -12.90 24.31
CA VAL B 65 9.05 -11.52 24.09
C VAL B 65 8.00 -10.57 24.65
N ALA B 66 8.39 -9.82 25.68
CA ALA B 66 7.48 -8.90 26.37
C ALA B 66 7.46 -7.49 25.77
N TYR B 67 8.54 -7.10 25.11
CA TYR B 67 8.69 -5.72 24.66
C TYR B 67 9.79 -5.70 23.62
N GLY B 68 9.57 -4.95 22.54
CA GLY B 68 10.58 -4.80 21.52
C GLY B 68 10.27 -3.56 20.69
N LYS B 69 11.08 -2.51 20.82
CA LYS B 69 10.80 -1.24 20.14
C LYS B 69 12.09 -0.61 19.62
N SER B 70 11.96 0.08 18.49
CA SER B 70 13.08 0.72 17.80
C SER B 70 13.13 2.20 18.13
N PHE B 71 14.33 2.78 18.06
CA PHE B 71 14.55 4.17 18.50
C PHE B 71 14.62 5.13 17.32
N TYR B 72 14.12 6.34 17.52
CA TYR B 72 13.97 7.32 16.44
C TYR B 72 15.33 7.73 15.87
N GLY B 73 15.47 7.57 14.56
CA GLY B 73 16.67 7.99 13.86
C GLY B 73 17.75 6.91 13.74
N GLY B 74 17.56 5.78 14.43
CA GLY B 74 18.51 4.69 14.32
C GLY B 74 19.82 4.92 15.07
N ALA B 75 20.70 3.93 15.06
CA ALA B 75 21.91 3.95 15.87
C ALA B 75 22.81 5.12 15.52
N ALA B 76 22.79 5.56 14.26
CA ALA B 76 23.66 6.67 13.84
C ALA B 76 23.28 7.99 14.52
N ASN B 77 22.06 8.06 15.03
CA ASN B 77 21.59 9.26 15.73
C ASN B 77 21.47 9.07 17.24
N ALA B 78 21.99 7.97 17.77
CA ALA B 78 21.87 7.72 19.21
C ALA B 78 22.47 8.86 20.00
N ASN B 79 21.83 9.25 21.11
CA ASN B 79 22.31 10.42 21.85
C ASN B 79 22.85 10.06 23.23
N THR B 80 22.87 8.77 23.54
CA THR B 80 23.56 8.26 24.72
C THR B 80 24.29 6.98 24.38
N LYS B 81 25.21 6.59 25.24
CA LYS B 81 26.14 5.49 24.98
C LYS B 81 25.50 4.11 24.80
N LEU B 82 24.49 3.79 25.62
CA LEU B 82 23.94 2.44 25.64
C LEU B 82 22.59 2.29 24.93
N ALA B 83 22.11 3.35 24.29
CA ALA B 83 20.80 3.28 23.63
C ALA B 83 20.81 2.42 22.36
N GLY B 84 21.79 2.61 21.49
CA GLY B 84 21.77 1.87 20.23
C GLY B 84 20.52 2.24 19.47
N GLU B 85 19.78 1.26 18.92
CA GLU B 85 18.53 1.63 18.27
C GLU B 85 17.39 0.69 18.60
N VAL B 86 17.56 -0.16 19.61
CA VAL B 86 16.52 -1.11 19.94
C VAL B 86 16.60 -1.54 21.40
N ILE B 87 15.43 -1.81 22.00
CA ILE B 87 15.40 -2.46 23.30
C ILE B 87 14.50 -3.66 23.20
N GLY B 88 14.93 -4.78 23.78
CA GLY B 88 14.10 -5.96 23.84
C GLY B 88 13.98 -6.44 25.27
N ILE B 89 12.83 -6.99 25.62
CA ILE B 89 12.65 -7.57 26.95
C ILE B 89 12.05 -8.96 26.81
N LEU B 90 12.72 -9.95 27.40
CA LEU B 90 12.21 -11.31 27.47
C LEU B 90 11.62 -11.53 28.87
N SER B 91 10.54 -12.29 28.96
CA SER B 91 10.05 -12.67 30.28
C SER B 91 10.00 -14.18 30.36
N GLY B 92 10.06 -14.71 31.57
CA GLY B 92 9.93 -16.14 31.74
C GLY B 92 9.66 -16.48 33.18
N PRO B 93 9.35 -17.77 33.43
CA PRO B 93 8.91 -18.22 34.76
C PRO B 93 10.05 -18.31 35.78
N THR B 94 11.29 -18.47 35.32
CA THR B 94 12.43 -18.53 36.22
C THR B 94 13.59 -17.71 35.68
N PRO B 95 14.48 -17.26 36.56
CA PRO B 95 15.68 -16.53 36.16
C PRO B 95 16.57 -17.37 35.26
N ALA B 96 16.64 -18.67 35.54
CA ALA B 96 17.48 -19.55 34.76
C ALA B 96 17.03 -19.59 33.30
N GLU B 97 15.72 -19.66 33.08
CA GLU B 97 15.22 -19.69 31.71
C GLU B 97 15.39 -18.34 31.02
N VAL B 98 15.20 -17.24 31.75
CA VAL B 98 15.42 -15.92 31.16
C VAL B 98 16.90 -15.75 30.80
N LYS B 99 17.78 -16.17 31.69
CA LYS B 99 19.21 -16.11 31.42
C LYS B 99 19.59 -16.92 30.18
N SER B 100 18.95 -18.07 30.02
CA SER B 100 19.13 -18.88 28.81
C SER B 100 18.63 -18.14 27.56
N GLY B 101 17.48 -17.49 27.68
CA GLY B 101 16.91 -16.74 26.56
C GLY B 101 17.83 -15.60 26.15
N LEU B 102 18.41 -14.95 27.16
CA LEU B 102 19.32 -13.84 26.90
C LEU B 102 20.58 -14.34 26.18
N ALA B 103 21.12 -15.48 26.63
CA ALA B 103 22.30 -16.05 25.99
C ALA B 103 22.05 -16.32 24.51
N ALA B 104 20.86 -16.86 24.21
CA ALA B 104 20.47 -17.15 22.84
C ALA B 104 20.37 -15.86 22.01
N ALA B 105 19.73 -14.84 22.57
CA ALA B 105 19.52 -13.59 21.82
C ALA B 105 20.87 -12.90 21.57
N VAL B 106 21.68 -12.82 22.60
CA VAL B 106 22.97 -12.14 22.47
C VAL B 106 23.86 -12.87 21.46
N ASP B 107 23.88 -14.20 21.56
CA ASP B 107 24.66 -15.01 20.62
C ASP B 107 24.18 -14.81 19.17
N PHE B 108 22.88 -14.63 19.01
CA PHE B 108 22.31 -14.48 17.67
C PHE B 108 22.66 -13.10 17.10
N ILE B 109 22.47 -12.08 17.93
CA ILE B 109 22.68 -10.70 17.48
C ILE B 109 24.11 -10.51 17.01
N GLU B 110 25.04 -11.08 17.74
CA GLU B 110 26.45 -10.84 17.47
CA GLU B 110 26.47 -10.88 17.50
C GLU B 110 27.04 -11.71 16.35
N ASN B 111 26.38 -12.83 16.03
CA ASN B 111 26.96 -13.80 15.08
C ASN B 111 26.12 -14.35 13.94
N GLU B 112 24.80 -14.22 14.00
CA GLU B 112 23.96 -15.05 13.13
C GLU B 112 23.14 -14.32 12.06
N ALA B 113 22.99 -13.02 12.21
CA ALA B 113 22.19 -12.26 11.25
C ALA B 113 22.83 -10.91 11.11
N ALA B 114 22.77 -10.32 9.93
CA ALA B 114 23.37 -9.01 9.76
C ALA B 114 22.82 -8.28 8.55
N PHE B 115 22.79 -6.96 8.63
CA PHE B 115 22.55 -6.16 7.44
C PHE B 115 23.77 -6.29 6.54
N ILE B 116 23.58 -6.04 5.25
CA ILE B 116 24.64 -6.10 4.25
C ILE B 116 24.75 -4.75 3.59
N SER B 117 25.97 -4.29 3.37
CA SER B 117 26.18 -3.04 2.65
C SER B 117 25.87 -3.20 1.16
N ALA B 118 25.13 -2.26 0.62
CA ALA B 118 24.71 -2.30 -0.78
C ALA B 118 25.59 -1.44 -1.68
N ASN B 119 26.51 -0.69 -1.10
CA ASN B 119 27.38 0.16 -1.90
C ASN B 119 28.78 0.26 -1.33
N ASP B 120 29.66 0.97 -2.05
CA ASP B 120 31.08 0.98 -1.71
C ASP B 120 31.44 1.94 -0.58
N ASP B 121 30.52 2.83 -0.21
CA ASP B 121 30.81 3.80 0.86
C ASP B 121 29.99 3.53 2.12
N ASP B 122 29.36 2.36 2.18
CA ASP B 122 28.67 1.95 3.39
C ASP B 122 27.52 2.90 3.75
N SER B 123 26.81 3.41 2.76
CA SER B 123 25.75 4.39 3.06
C SER B 123 24.37 3.88 2.68
N ILE B 124 24.31 2.67 2.15
CA ILE B 124 23.04 2.01 1.92
C ILE B 124 23.22 0.57 2.37
N ALA B 125 22.26 0.06 3.14
CA ALA B 125 22.36 -1.32 3.64
C ALA B 125 20.99 -1.95 3.69
N TYR B 126 20.94 -3.27 3.64
CA TYR B 126 19.65 -3.97 3.67
C TYR B 126 19.74 -5.22 4.53
N PHE B 127 18.58 -5.73 4.92
CA PHE B 127 18.46 -6.97 5.67
C PHE B 127 17.63 -7.89 4.78
N ALA B 128 18.13 -9.09 4.52
CA ALA B 128 17.36 -10.04 3.72
C ALA B 128 17.61 -11.39 4.34
N HIS B 129 16.92 -11.64 5.44
CA HIS B 129 17.18 -12.79 6.27
C HIS B 129 16.06 -13.82 6.15
N CYS B 130 16.44 -15.05 5.85
CA CYS B 130 15.48 -16.13 5.70
C CYS B 130 15.43 -16.91 7.01
N ILE B 131 14.30 -16.83 7.70
CA ILE B 131 14.07 -17.60 8.93
C ILE B 131 13.43 -18.94 8.56
N SER B 132 14.17 -20.04 8.74
CA SER B 132 13.65 -21.36 8.38
C SER B 132 12.40 -21.74 9.17
N ARG B 133 12.46 -21.56 10.49
CA ARG B 133 11.30 -21.81 11.34
C ARG B 133 11.17 -20.70 12.36
N THR B 134 10.08 -19.95 12.29
CA THR B 134 9.86 -18.88 13.25
C THR B 134 9.61 -19.42 14.64
N GLY B 135 9.97 -18.63 15.64
CA GLY B 135 9.57 -18.88 17.01
C GLY B 135 8.22 -18.22 17.27
N THR B 136 7.97 -17.87 18.52
CA THR B 136 6.64 -17.38 18.91
C THR B 136 6.44 -15.89 18.66
N TYR B 137 7.53 -15.17 18.49
CA TYR B 137 7.46 -13.72 18.40
C TYR B 137 7.16 -13.25 16.97
N LEU B 138 7.95 -13.71 16.01
CA LEU B 138 7.75 -13.25 14.63
C LEU B 138 6.55 -13.91 13.98
N SER B 139 6.22 -15.12 14.41
CA SER B 139 5.01 -15.77 13.88
C SER B 139 3.78 -14.98 14.32
N LYS B 140 3.74 -14.57 15.59
CA LYS B 140 2.65 -13.73 16.08
C LYS B 140 2.60 -12.39 15.34
N THR B 141 3.76 -11.76 15.21
CA THR B 141 3.88 -10.50 14.48
C THR B 141 3.29 -10.60 13.07
N ALA B 142 3.60 -11.70 12.38
CA ALA B 142 3.15 -11.92 11.00
C ALA B 142 1.74 -12.52 10.91
N GLY B 143 1.20 -12.94 12.05
CA GLY B 143 -0.13 -13.54 12.08
C GLY B 143 -0.18 -14.91 11.43
N ILE B 144 0.92 -15.64 11.51
CA ILE B 144 0.99 -16.99 10.96
C ILE B 144 1.32 -18.01 12.06
N PRO B 145 1.12 -19.30 11.77
CA PRO B 145 1.42 -20.35 12.75
C PRO B 145 2.90 -20.36 13.12
N GLU B 146 3.21 -20.54 14.40
CA GLU B 146 4.59 -20.73 14.81
C GLU B 146 5.23 -21.82 13.97
N GLY B 147 6.49 -21.62 13.60
CA GLY B 147 7.24 -22.61 12.85
C GLY B 147 7.25 -22.40 11.35
N GLU B 148 6.37 -21.55 10.84
CA GLU B 148 6.38 -21.22 9.42
C GLU B 148 7.67 -20.47 9.07
N SER B 149 8.06 -20.51 7.81
CA SER B 149 9.23 -19.78 7.34
C SER B 149 8.89 -18.32 7.04
N LEU B 150 9.90 -17.46 7.10
CA LEU B 150 9.72 -16.04 6.85
C LEU B 150 10.90 -15.51 6.06
N ALA B 151 10.62 -14.59 5.15
CA ALA B 151 11.64 -13.71 4.59
C ALA B 151 11.49 -12.35 5.30
N TYR B 152 12.56 -11.91 5.97
CA TYR B 152 12.53 -10.66 6.73
C TYR B 152 13.34 -9.67 5.90
N LEU B 153 12.65 -8.72 5.28
CA LEU B 153 13.22 -7.89 4.22
C LEU B 153 13.14 -6.42 4.62
N ILE B 154 14.30 -5.78 4.78
CA ILE B 154 14.35 -4.41 5.24
C ILE B 154 15.39 -3.62 4.42
N ALA B 155 15.05 -2.39 4.06
CA ALA B 155 15.99 -1.51 3.35
C ALA B 155 15.53 -0.06 3.55
N PRO B 156 16.32 0.92 3.09
CA PRO B 156 15.85 2.31 3.25
C PRO B 156 14.59 2.52 2.39
N PRO B 157 13.87 3.62 2.62
CA PRO B 157 12.47 3.76 2.19
C PRO B 157 12.15 3.41 0.72
N LEU B 158 12.79 4.05 -0.24
CA LEU B 158 12.42 3.78 -1.64
C LEU B 158 12.92 2.40 -2.08
N GLU B 159 14.17 2.09 -1.73
CA GLU B 159 14.73 0.77 -2.04
C GLU B 159 13.81 -0.33 -1.52
N ALA B 160 13.30 -0.17 -0.31
CA ALA B 160 12.49 -1.20 0.34
C ALA B 160 11.18 -1.43 -0.42
N TYR B 162 10.43 -0.63 -3.58
CA TYR B 162 10.71 -1.18 -4.91
C TYR B 162 11.14 -2.65 -4.83
N ALA B 163 12.04 -2.94 -3.89
CA ALA B 163 12.59 -4.28 -3.77
C ALA B 163 11.57 -5.29 -3.21
N LEU B 164 10.67 -4.82 -2.35
CA LEU B 164 9.66 -5.70 -1.77
C LEU B 164 8.72 -6.20 -2.88
N ASP B 165 8.40 -5.33 -3.82
CA ASP B 165 7.58 -5.70 -4.96
C ASP B 165 8.29 -6.72 -5.84
N VAL B 166 9.58 -6.48 -6.08
CA VAL B 166 10.39 -7.44 -6.82
C VAL B 166 10.41 -8.80 -6.13
N ALA B 167 10.54 -8.81 -4.80
CA ALA B 167 10.60 -10.06 -4.04
C ALA B 167 9.27 -10.81 -4.10
N LEU B 168 8.17 -10.08 -4.04
CA LEU B 168 6.86 -10.69 -4.13
C LEU B 168 6.64 -11.36 -5.48
N LYS B 169 7.33 -10.87 -6.51
CA LYS B 169 7.19 -11.44 -7.86
C LYS B 169 8.19 -12.57 -8.11
N ALA B 170 9.13 -12.76 -7.20
CA ALA B 170 10.23 -13.70 -7.43
C ALA B 170 9.89 -15.13 -7.06
N ALA B 171 8.87 -15.31 -6.24
CA ALA B 171 8.53 -16.65 -5.75
C ALA B 171 7.10 -16.72 -5.23
N ASP B 172 6.65 -17.92 -4.90
CA ASP B 172 5.32 -18.10 -4.34
C ASP B 172 5.32 -17.72 -2.86
N VAL B 173 5.32 -16.41 -2.60
CA VAL B 173 5.32 -15.92 -1.23
C VAL B 173 4.17 -14.95 -1.07
N ARG B 174 3.81 -14.65 0.17
CA ARG B 174 2.78 -13.65 0.39
C ARG B 174 3.18 -12.72 1.53
N LEU B 175 2.71 -11.48 1.42
CA LEU B 175 3.04 -10.44 2.37
C LEU B 175 2.22 -10.62 3.64
N VAL B 176 2.88 -10.78 4.79
CA VAL B 176 2.18 -11.00 6.05
C VAL B 176 2.41 -9.88 7.09
N ALA B 177 3.42 -9.05 6.87
CA ALA B 177 3.56 -7.82 7.64
C ALA B 177 4.16 -6.78 6.73
N PHE B 178 3.57 -5.59 6.73
CA PHE B 178 4.03 -4.51 5.87
C PHE B 178 4.58 -3.38 6.72
N TYR B 179 5.84 -3.04 6.50
CA TYR B 179 6.44 -1.92 7.20
C TYR B 179 6.63 -0.74 6.25
N GLY B 180 5.55 0.00 6.01
CA GLY B 180 5.64 1.19 5.19
C GLY B 180 6.59 2.17 5.86
N PRO B 181 7.54 2.71 5.10
CA PRO B 181 8.48 3.63 5.75
C PRO B 181 7.80 4.97 6.08
N PRO B 182 8.29 5.66 7.12
CA PRO B 182 9.47 5.28 7.90
C PRO B 182 9.14 4.40 9.11
N SER B 183 9.98 3.41 9.39
CA SER B 183 10.02 2.85 10.73
C SER B 183 10.69 3.92 11.60
N GLU B 184 10.81 3.67 12.90
CA GLU B 184 11.48 4.65 13.76
C GLU B 184 12.90 4.94 13.29
N THR B 185 13.54 3.95 12.68
CA THR B 185 14.91 4.13 12.19
C THR B 185 14.96 4.64 10.75
N ASN B 186 13.79 4.98 10.19
CA ASN B 186 13.68 5.49 8.81
C ASN B 186 14.05 4.47 7.74
N PHE B 187 13.67 3.21 8.00
CA PHE B 187 13.75 2.16 7.02
C PHE B 187 12.34 1.69 6.70
N GLY B 188 12.22 0.70 5.83
CA GLY B 188 10.93 0.09 5.55
C GLY B 188 11.14 -1.32 5.07
N GLY B 189 10.05 -2.00 4.74
CA GLY B 189 10.17 -3.35 4.20
C GLY B 189 8.96 -4.17 4.58
N GLY B 190 9.20 -5.44 4.90
CA GLY B 190 8.10 -6.31 5.30
C GLY B 190 8.51 -7.74 5.55
N LEU B 191 7.53 -8.53 6.00
CA LEU B 191 7.73 -9.95 6.22
C LEU B 191 6.91 -10.72 5.20
N LEU B 192 7.54 -11.68 4.53
CA LEU B 192 6.87 -12.55 3.58
C LEU B 192 6.92 -13.99 4.09
N THR B 193 5.88 -14.77 3.82
CA THR B 193 5.92 -16.19 4.19
C THR B 193 5.66 -17.06 2.95
N GLY B 194 6.05 -18.33 3.08
CA GLY B 194 5.89 -19.30 2.02
C GLY B 194 6.73 -20.49 2.43
N SER B 195 7.06 -21.36 1.49
CA SER B 195 7.99 -22.45 1.79
C SER B 195 9.35 -21.84 2.07
N GLN B 196 10.22 -22.60 2.73
CA GLN B 196 11.55 -22.12 3.03
C GLN B 196 12.29 -21.70 1.75
N SER B 197 12.16 -22.51 0.70
CA SER B 197 12.88 -22.19 -0.53
C SER B 197 12.29 -20.98 -1.26
N ALA B 198 10.98 -20.76 -1.13
CA ALA B 198 10.37 -19.59 -1.73
C ALA B 198 10.81 -18.34 -0.98
N CYS B 199 10.90 -18.46 0.34
CA CYS B 199 11.37 -17.34 1.16
C CYS B 199 12.82 -17.01 0.83
N LYS B 200 13.65 -18.03 0.61
CA LYS B 200 15.04 -17.81 0.24
C LYS B 200 15.14 -17.10 -1.11
N ALA B 201 14.35 -17.56 -2.09
CA ALA B 201 14.32 -16.91 -3.40
C ALA B 201 13.90 -15.44 -3.29
N ALA B 202 12.92 -15.16 -2.43
CA ALA B 202 12.49 -13.77 -2.23
C ALA B 202 13.62 -12.91 -1.63
N CYS B 203 14.37 -13.49 -0.69
CA CYS B 203 15.50 -12.78 -0.08
C CYS B 203 16.55 -12.44 -1.12
N ASP B 204 16.88 -13.42 -1.97
CA ASP B 204 17.86 -13.21 -3.02
C ASP B 204 17.40 -12.10 -3.97
N ALA B 205 16.12 -12.12 -4.34
CA ALA B 205 15.61 -11.12 -5.28
C ALA B 205 15.58 -9.74 -4.63
N PHE B 206 15.23 -9.68 -3.35
CA PHE B 206 15.17 -8.41 -2.63
C PHE B 206 16.54 -7.75 -2.58
N ALA B 207 17.55 -8.53 -2.19
CA ALA B 207 18.92 -8.06 -2.12
C ALA B 207 19.39 -7.50 -3.46
N GLU B 208 19.18 -8.27 -4.53
CA GLU B 208 19.58 -7.84 -5.86
C GLU B 208 18.89 -6.53 -6.25
N ALA B 209 17.60 -6.40 -5.93
CA ALA B 209 16.86 -5.19 -6.27
C ALA B 209 17.35 -3.96 -5.52
N VAL B 210 17.69 -4.13 -4.26
CA VAL B 210 18.22 -3.01 -3.48
C VAL B 210 19.53 -2.52 -4.10
N LYS B 211 20.41 -3.46 -4.45
CA LYS B 211 21.68 -3.08 -5.06
C LYS B 211 21.50 -2.38 -6.40
N PHE B 212 20.50 -2.82 -7.16
CA PHE B 212 20.17 -2.18 -8.43
C PHE B 212 19.76 -0.70 -8.24
N VAL B 213 18.98 -0.43 -7.20
CA VAL B 213 18.57 0.95 -6.92
C VAL B 213 19.75 1.78 -6.45
N ALA B 214 20.57 1.22 -5.56
CA ALA B 214 21.76 1.92 -5.09
C ALA B 214 22.64 2.32 -6.27
N ASP B 215 22.76 1.44 -7.26
CA ASP B 215 23.61 1.66 -8.43
C ASP B 215 23.08 2.76 -9.35
N ASN B 216 21.75 2.88 -9.44
CA ASN B 216 21.12 3.77 -10.40
C ASN B 216 19.88 4.43 -9.80
N PRO B 217 20.08 5.35 -8.84
CA PRO B 217 18.91 5.82 -8.09
C PRO B 217 17.98 6.74 -8.87
N LEU B 218 18.49 7.45 -9.86
CA LEU B 218 17.66 8.45 -10.54
C LEU B 218 17.18 8.07 -11.95
N ASN B 219 17.59 6.91 -12.45
CA ASN B 219 17.13 6.42 -13.74
C ASN B 219 15.90 5.53 -13.59
N TYR B 220 14.74 6.05 -14.00
CA TYR B 220 13.49 5.33 -13.81
C TYR B 220 12.68 5.14 -15.10
N LYS C 5 -22.05 -18.30 -31.86
CA LYS C 5 -21.32 -17.36 -32.70
C LYS C 5 -21.36 -17.74 -34.19
N GLY C 6 -21.63 -16.77 -35.05
CA GLY C 6 -21.70 -17.00 -36.48
C GLY C 6 -23.08 -17.44 -36.95
N ASP C 7 -23.96 -17.75 -36.02
CA ASP C 7 -25.29 -18.21 -36.38
C ASP C 7 -26.16 -17.05 -36.89
N ARG C 8 -26.93 -17.32 -37.94
CA ARG C 8 -27.88 -16.33 -38.41
CA ARG C 8 -27.92 -16.36 -38.45
C ARG C 8 -29.06 -16.27 -37.45
N LEU C 9 -29.54 -15.06 -37.19
CA LEU C 9 -30.65 -14.84 -36.28
C LEU C 9 -31.87 -14.51 -37.14
N LYS C 10 -32.75 -15.47 -37.32
CA LYS C 10 -33.87 -15.28 -38.24
C LYS C 10 -34.83 -14.20 -37.76
N ALA C 11 -35.25 -13.35 -38.69
CA ALA C 11 -36.26 -12.35 -38.39
C ALA C 11 -37.67 -12.90 -38.66
N ASN C 12 -38.65 -12.34 -37.97
CA ASN C 12 -40.04 -12.77 -38.11
C ASN C 12 -40.99 -11.62 -38.39
N VAL C 13 -41.91 -11.82 -39.34
CA VAL C 13 -43.04 -10.90 -39.53
C VAL C 13 -44.13 -11.20 -38.51
N LEU C 14 -44.57 -10.18 -37.79
CA LEU C 14 -45.55 -10.34 -36.71
C LEU C 14 -47.00 -10.08 -37.13
N ALA C 15 -47.19 -9.11 -38.02
CA ALA C 15 -48.54 -8.78 -38.50
C ALA C 15 -48.45 -8.10 -39.85
N VAL C 16 -49.48 -8.31 -40.65
CA VAL C 16 -49.58 -7.71 -41.98
C VAL C 16 -51.05 -7.39 -42.23
N ARG C 17 -51.32 -6.23 -42.81
N ARG C 17 -51.30 -6.20 -42.77
CA ARG C 17 -52.69 -5.88 -43.16
CA ARG C 17 -52.65 -5.81 -43.16
C ARG C 17 -52.75 -4.99 -44.40
C ARG C 17 -52.62 -5.09 -44.51
N LEU C 18 -53.62 -5.36 -45.34
CA LEU C 18 -53.79 -4.64 -46.60
C LEU C 18 -55.01 -3.76 -46.50
N ILE C 19 -54.88 -2.49 -46.89
CA ILE C 19 -56.03 -1.58 -46.97
C ILE C 19 -56.20 -1.18 -48.43
N PRO C 20 -57.24 -1.71 -49.10
CA PRO C 20 -57.44 -1.52 -50.54
C PRO C 20 -57.70 -0.07 -50.92
N ASN C 21 -58.42 0.66 -50.07
CA ASN C 21 -58.75 2.06 -50.36
C ASN C 21 -58.71 2.93 -49.11
N VAL C 22 -57.55 3.50 -48.83
CA VAL C 22 -57.34 4.23 -47.59
C VAL C 22 -58.10 5.57 -47.55
N ASP C 23 -58.51 6.00 -46.37
CA ASP C 23 -59.19 7.28 -46.21
C ASP C 23 -58.28 8.44 -46.65
N SER C 24 -58.88 9.45 -47.25
CA SER C 24 -58.12 10.59 -47.74
C SER C 24 -57.33 11.33 -46.66
N ASP C 25 -57.86 11.38 -45.43
CA ASP C 25 -57.14 12.05 -44.33
C ASP C 25 -55.85 11.29 -44.05
N ALA C 27 -54.31 9.21 -46.15
CA ALA C 27 -53.47 9.38 -47.33
C ALA C 27 -52.61 10.63 -47.25
N LYS C 28 -53.21 11.74 -46.83
CA LYS C 28 -52.48 13.00 -46.68
C LYS C 28 -51.42 12.94 -45.58
N GLU C 29 -51.78 12.38 -44.43
CA GLU C 29 -50.82 12.25 -43.33
C GLU C 29 -49.63 11.37 -43.71
N LEU C 30 -49.87 10.32 -44.50
CA LEU C 30 -48.79 9.45 -44.93
C LEU C 30 -48.04 10.00 -46.13
N GLY C 31 -48.58 11.06 -46.73
CA GLY C 31 -47.96 11.70 -47.86
C GLY C 31 -48.07 10.89 -49.14
N LEU C 32 -49.15 10.11 -49.26
CA LEU C 32 -49.31 9.25 -50.43
C LEU C 32 -49.53 10.07 -51.70
N PRO C 33 -48.96 9.60 -52.82
CA PRO C 33 -49.27 10.24 -54.11
C PRO C 33 -50.76 10.14 -54.37
N ASN C 34 -51.28 10.99 -55.23
CA ASN C 34 -52.70 10.96 -55.56
C ASN C 34 -53.12 9.61 -56.17
N GLU C 35 -52.18 8.96 -56.86
CA GLU C 35 -52.51 7.73 -57.57
CA GLU C 35 -52.45 7.73 -57.58
C GLU C 35 -52.49 6.50 -56.67
N HIS C 36 -51.97 6.64 -55.44
CA HIS C 36 -51.88 5.50 -54.52
C HIS C 36 -52.93 5.56 -53.42
N ARG C 37 -53.95 4.71 -53.49
CA ARG C 37 -54.89 4.63 -52.39
C ARG C 37 -54.93 3.25 -51.73
N SER C 38 -54.06 2.35 -52.19
CA SER C 38 -53.92 1.06 -51.52
C SER C 38 -52.64 1.09 -50.69
N ILE C 39 -52.70 0.60 -49.46
CA ILE C 39 -51.47 0.49 -48.69
C ILE C 39 -51.38 -0.88 -48.03
N GLY C 40 -50.15 -1.30 -47.74
CA GLY C 40 -49.91 -2.55 -47.06
C GLY C 40 -49.06 -2.25 -45.84
N ILE C 41 -49.50 -2.71 -44.68
CA ILE C 41 -48.79 -2.44 -43.44
C ILE C 41 -48.21 -3.72 -42.87
N LEU C 42 -46.99 -3.67 -42.36
CA LEU C 42 -46.44 -4.83 -41.67
C LEU C 42 -45.57 -4.43 -40.49
N THR C 43 -45.49 -5.31 -39.51
CA THR C 43 -44.54 -5.14 -38.42
C THR C 43 -43.68 -6.38 -38.34
N ALA C 44 -42.45 -6.22 -37.86
CA ALA C 44 -41.54 -7.33 -37.79
C ALA C 44 -40.64 -7.13 -36.58
N ASP C 45 -39.85 -8.15 -36.24
CA ASP C 45 -39.02 -8.06 -35.05
C ASP C 45 -37.57 -7.67 -35.34
N CYS C 46 -37.29 -7.23 -36.56
CA CYS C 46 -35.94 -6.76 -36.90
C CYS C 46 -35.98 -5.58 -37.88
N ASP C 47 -35.57 -4.41 -37.43
CA ASP C 47 -35.79 -3.22 -38.28
C ASP C 47 -34.93 -3.15 -39.57
N ASP C 48 -33.62 -3.37 -39.47
CA ASP C 48 -32.81 -3.19 -40.67
C ASP C 48 -33.03 -4.27 -41.74
N VAL C 49 -33.37 -5.47 -41.29
CA VAL C 49 -33.79 -6.51 -42.22
C VAL C 49 -35.07 -6.05 -42.92
N THR C 50 -35.97 -5.45 -42.17
CA THR C 50 -37.24 -4.95 -42.74
C THR C 50 -37.03 -3.81 -43.76
N TYR C 51 -36.15 -2.86 -43.45
CA TYR C 51 -35.87 -1.78 -44.40
C TYR C 51 -35.28 -2.33 -45.69
N THR C 52 -34.39 -3.31 -45.58
CA THR C 52 -33.85 -3.95 -46.77
C THR C 52 -34.97 -4.65 -47.57
N ALA C 53 -35.89 -5.28 -46.84
CA ALA C 53 -37.04 -5.97 -47.46
C ALA C 53 -38.00 -5.00 -48.17
N LEU C 54 -38.25 -3.85 -47.53
CA LEU C 54 -39.14 -2.85 -48.13
C LEU C 54 -38.51 -2.35 -49.43
N ASP C 55 -37.20 -2.15 -49.41
CA ASP C 55 -36.51 -1.72 -50.63
C ASP C 55 -36.62 -2.82 -51.70
N GLU C 56 -36.46 -4.07 -51.29
CA GLU C 56 -36.57 -5.19 -52.24
C GLU C 56 -37.98 -5.21 -52.85
N ALA C 57 -38.99 -4.88 -52.05
CA ALA C 57 -40.36 -4.86 -52.56
C ALA C 57 -40.54 -3.88 -53.72
N THR C 58 -39.84 -2.75 -53.68
CA THR C 58 -39.97 -1.75 -54.76
C THR C 58 -39.39 -2.25 -56.09
N LYS C 59 -38.53 -3.26 -56.03
CA LYS C 59 -37.99 -3.84 -57.24
C LYS C 59 -38.89 -4.93 -57.81
N LYS C 60 -39.82 -5.43 -57.00
CA LYS C 60 -40.63 -6.58 -57.36
C LYS C 60 -42.08 -6.23 -57.71
N ALA C 61 -42.51 -5.04 -57.32
CA ALA C 61 -43.91 -4.66 -57.53
C ALA C 61 -44.02 -3.17 -57.76
N VAL C 62 -45.17 -2.71 -58.23
CA VAL C 62 -45.37 -1.28 -58.44
C VAL C 62 -45.77 -0.68 -57.10
N VAL C 63 -44.79 -0.48 -56.22
CA VAL C 63 -45.05 0.05 -54.90
C VAL C 63 -43.97 1.04 -54.51
N ASP C 64 -44.32 1.96 -53.62
CA ASP C 64 -43.37 2.86 -52.98
C ASP C 64 -43.38 2.57 -51.50
N VAL C 65 -42.27 2.86 -50.82
CA VAL C 65 -42.25 2.80 -49.36
C VAL C 65 -42.80 4.11 -48.81
N ALA C 66 -43.95 4.04 -48.16
CA ALA C 66 -44.62 5.24 -47.65
C ALA C 66 -44.18 5.59 -46.23
N TYR C 67 -43.68 4.61 -45.48
CA TYR C 67 -43.44 4.81 -44.05
C TYR C 67 -42.54 3.69 -43.57
N GLY C 68 -41.61 4.00 -42.69
CA GLY C 68 -40.78 2.96 -42.11
C GLY C 68 -40.07 3.54 -40.91
N LYS C 69 -40.45 3.06 -39.72
CA LYS C 69 -39.87 3.60 -38.49
C LYS C 69 -39.57 2.49 -37.49
N SER C 70 -38.52 2.70 -36.70
CA SER C 70 -38.05 1.71 -35.70
C SER C 70 -38.55 2.09 -34.30
N PHE C 71 -38.69 1.09 -33.43
CA PHE C 71 -39.32 1.31 -32.12
C PHE C 71 -38.29 1.38 -31.00
N TYR C 72 -38.54 2.23 -30.02
CA TYR C 72 -37.57 2.49 -28.95
C TYR C 72 -37.26 1.26 -28.12
N GLY C 73 -35.98 0.89 -28.04
CA GLY C 73 -35.57 -0.20 -27.17
C GLY C 73 -35.43 -1.52 -27.92
N GLY C 74 -35.94 -1.55 -29.16
CA GLY C 74 -35.87 -2.75 -29.96
C GLY C 74 -36.79 -3.87 -29.48
N ALA C 75 -36.77 -4.99 -30.19
CA ALA C 75 -37.76 -6.03 -29.99
C ALA C 75 -37.66 -6.67 -28.61
N ALA C 76 -36.47 -6.72 -28.05
CA ALA C 76 -36.29 -7.27 -26.70
C ALA C 76 -37.10 -6.49 -25.66
N ASN C 77 -37.42 -5.24 -25.99
CA ASN C 77 -38.18 -4.37 -25.07
C ASN C 77 -39.62 -4.11 -25.52
N ALA C 78 -40.09 -4.85 -26.50
CA ALA C 78 -41.46 -4.63 -26.99
C ALA C 78 -42.45 -4.77 -25.83
N ASN C 79 -43.45 -3.90 -25.77
CA ASN C 79 -44.40 -3.97 -24.66
C ASN C 79 -45.78 -4.49 -25.08
N THR C 80 -45.93 -4.80 -26.36
CA THR C 80 -47.13 -5.50 -26.84
C THR C 80 -46.74 -6.61 -27.83
N LYS C 81 -47.69 -7.51 -28.11
CA LYS C 81 -47.45 -8.71 -28.89
C LYS C 81 -47.03 -8.50 -30.36
N LEU C 82 -47.68 -7.57 -31.04
CA LEU C 82 -47.50 -7.43 -32.49
C LEU C 82 -46.59 -6.26 -32.87
N ALA C 83 -46.00 -5.60 -31.88
CA ALA C 83 -45.17 -4.42 -32.16
C ALA C 83 -43.82 -4.77 -32.80
N GLY C 84 -43.11 -5.74 -32.23
CA GLY C 84 -41.75 -6.01 -32.68
C GLY C 84 -40.90 -4.76 -32.51
N GLU C 85 -40.17 -4.37 -33.54
CA GLU C 85 -39.35 -3.16 -33.45
C GLU C 85 -39.39 -2.29 -34.70
N VAL C 86 -40.32 -2.57 -35.61
CA VAL C 86 -40.41 -1.82 -36.85
C VAL C 86 -41.81 -1.90 -37.46
N ILE C 87 -42.23 -0.80 -38.09
CA ILE C 87 -43.43 -0.83 -38.93
C ILE C 87 -43.06 -0.29 -40.30
N GLY C 88 -43.60 -0.93 -41.34
CA GLY C 88 -43.35 -0.49 -42.70
C GLY C 88 -44.68 -0.37 -43.41
N ILE C 89 -44.79 0.60 -44.30
CA ILE C 89 -46.02 0.73 -45.11
C ILE C 89 -45.62 0.89 -46.55
N LEU C 90 -46.16 0.01 -47.40
CA LEU C 90 -46.00 0.16 -48.85
C LEU C 90 -47.27 0.79 -49.41
N SER C 91 -47.12 1.63 -50.43
CA SER C 91 -48.31 2.15 -51.11
C SER C 91 -48.24 1.81 -52.60
N GLY C 92 -49.39 1.70 -53.24
CA GLY C 92 -49.41 1.35 -54.64
C GLY C 92 -50.74 1.73 -55.26
N PRO C 93 -50.82 1.62 -56.59
CA PRO C 93 -52.02 2.10 -57.31
C PRO C 93 -53.22 1.16 -57.16
N THR C 94 -52.95 -0.11 -56.89
CA THR C 94 -54.01 -1.11 -56.78
C THR C 94 -53.67 -2.11 -55.69
N PRO C 95 -54.70 -2.78 -55.15
CA PRO C 95 -54.49 -3.81 -54.13
C PRO C 95 -53.62 -4.94 -54.67
N ALA C 96 -53.81 -5.32 -55.93
CA ALA C 96 -53.00 -6.39 -56.52
C ALA C 96 -51.50 -6.09 -56.44
N GLU C 97 -51.12 -4.86 -56.77
CA GLU C 97 -49.71 -4.50 -56.74
C GLU C 97 -49.18 -4.44 -55.30
N VAL C 98 -49.99 -3.92 -54.39
CA VAL C 98 -49.57 -3.87 -52.99
C VAL C 98 -49.40 -5.28 -52.39
N LYS C 99 -50.29 -6.19 -52.76
CA LYS C 99 -50.16 -7.58 -52.32
C LYS C 99 -48.87 -8.19 -52.81
N SER C 100 -48.51 -7.90 -54.05
CA SER C 100 -47.27 -8.41 -54.62
C SER C 100 -46.07 -7.86 -53.83
N GLY C 101 -46.13 -6.58 -53.50
CA GLY C 101 -45.06 -5.97 -52.70
C GLY C 101 -44.98 -6.55 -51.31
N LEU C 102 -46.13 -6.76 -50.67
CA LEU C 102 -46.16 -7.33 -49.34
C LEU C 102 -45.55 -8.73 -49.36
N ALA C 103 -45.90 -9.51 -50.38
CA ALA C 103 -45.36 -10.86 -50.50
C ALA C 103 -43.85 -10.84 -50.62
N ALA C 104 -43.34 -9.90 -51.41
CA ALA C 104 -41.90 -9.76 -51.60
C ALA C 104 -41.21 -9.39 -50.30
N ALA C 105 -41.81 -8.47 -49.55
CA ALA C 105 -41.21 -8.02 -48.28
C ALA C 105 -41.23 -9.16 -47.25
N VAL C 106 -42.35 -9.84 -47.12
CA VAL C 106 -42.46 -10.91 -46.13
C VAL C 106 -41.48 -12.03 -46.41
N ASP C 107 -41.39 -12.44 -47.67
CA ASP C 107 -40.44 -13.48 -48.05
C ASP C 107 -39.01 -13.06 -47.71
N PHE C 108 -38.69 -11.81 -47.98
CA PHE C 108 -37.32 -11.34 -47.78
C PHE C 108 -36.96 -11.33 -46.28
N ILE C 109 -37.87 -10.81 -45.47
CA ILE C 109 -37.66 -10.72 -44.02
C ILE C 109 -37.43 -12.10 -43.41
N GLU C 110 -38.22 -13.07 -43.87
CA GLU C 110 -38.20 -14.41 -43.29
C GLU C 110 -37.06 -15.28 -43.82
N ASN C 111 -36.50 -14.92 -44.97
CA ASN C 111 -35.56 -15.82 -45.65
C ASN C 111 -34.25 -15.23 -46.16
N GLU C 112 -34.21 -13.94 -46.48
CA GLU C 112 -33.13 -13.44 -47.33
C GLU C 112 -32.09 -12.59 -46.63
N ALA C 113 -32.39 -12.14 -45.43
CA ALA C 113 -31.44 -11.32 -44.69
C ALA C 113 -31.62 -11.57 -43.21
N ALA C 114 -30.52 -11.44 -42.47
CA ALA C 114 -30.52 -11.75 -41.04
C ALA C 114 -29.34 -11.10 -40.34
N PHE C 115 -29.53 -10.68 -39.09
CA PHE C 115 -28.40 -10.35 -38.24
C PHE C 115 -27.66 -11.66 -37.90
N ILE C 116 -26.38 -11.52 -37.56
CA ILE C 116 -25.51 -12.65 -37.24
C ILE C 116 -25.02 -12.48 -35.81
N SER C 117 -25.02 -13.56 -35.03
CA SER C 117 -24.50 -13.48 -33.67
C SER C 117 -22.98 -13.36 -33.69
N ALA C 118 -22.44 -12.49 -32.83
CA ALA C 118 -20.99 -12.27 -32.76
C ALA C 118 -20.36 -12.97 -31.55
N ASN C 119 -21.18 -13.61 -30.73
CA ASN C 119 -20.66 -14.34 -29.58
C ASN C 119 -21.49 -15.56 -29.18
N ASP C 120 -21.00 -16.29 -28.17
CA ASP C 120 -21.60 -17.56 -27.76
C ASP C 120 -22.94 -17.40 -27.09
N ASP C 121 -23.14 -16.26 -26.43
CA ASP C 121 -24.34 -16.02 -25.63
C ASP C 121 -25.46 -15.35 -26.44
N ASP C 122 -25.19 -15.06 -27.71
CA ASP C 122 -26.12 -14.31 -28.55
C ASP C 122 -26.49 -12.95 -27.92
N SER C 123 -25.50 -12.27 -27.36
CA SER C 123 -25.75 -10.99 -26.69
C SER C 123 -25.13 -9.82 -27.47
N ILE C 124 -24.46 -10.15 -28.57
CA ILE C 124 -23.95 -9.17 -29.52
C ILE C 124 -24.26 -9.71 -30.92
N ALA C 125 -24.81 -8.86 -31.78
CA ALA C 125 -25.16 -9.27 -33.13
C ALA C 125 -24.96 -8.11 -34.09
N TYR C 126 -24.78 -8.42 -35.37
CA TYR C 126 -24.53 -7.39 -36.37
C TYR C 126 -25.24 -7.74 -37.68
N PHE C 127 -25.41 -6.70 -38.51
CA PHE C 127 -25.97 -6.84 -39.85
C PHE C 127 -24.86 -6.38 -40.77
N ALA C 128 -24.50 -7.21 -41.75
CA ALA C 128 -23.54 -6.80 -42.78
C ALA C 128 -24.06 -7.33 -44.09
N HIS C 129 -25.03 -6.62 -44.65
CA HIS C 129 -25.76 -7.10 -45.82
C HIS C 129 -25.35 -6.32 -47.06
N CYS C 130 -25.01 -7.04 -48.13
CA CYS C 130 -24.65 -6.40 -49.38
C CYS C 130 -25.86 -6.36 -50.28
N ILE C 131 -26.37 -5.18 -50.57
CA ILE C 131 -27.44 -5.01 -51.56
C ILE C 131 -26.80 -4.75 -52.92
N SER C 132 -26.94 -5.71 -53.83
CA SER C 132 -26.32 -5.59 -55.16
C SER C 132 -26.91 -4.47 -55.99
N ARG C 133 -28.24 -4.35 -55.95
CA ARG C 133 -28.94 -3.33 -56.71
C ARG C 133 -30.05 -2.77 -55.83
N THR C 134 -29.87 -1.54 -55.36
CA THR C 134 -30.87 -0.89 -54.54
C THR C 134 -32.16 -0.67 -55.32
N GLY C 135 -33.29 -0.73 -54.62
CA GLY C 135 -34.56 -0.27 -55.17
C GLY C 135 -34.69 1.23 -54.98
N THR C 136 -35.93 1.72 -54.88
CA THR C 136 -36.16 3.16 -54.84
C THR C 136 -36.10 3.75 -53.43
N TYR C 137 -36.10 2.89 -52.43
CA TYR C 137 -36.19 3.33 -51.03
C TYR C 137 -34.81 3.59 -50.42
N LEU C 138 -33.93 2.59 -50.48
CA LEU C 138 -32.58 2.75 -49.93
C LEU C 138 -31.68 3.65 -50.79
N SER C 139 -31.92 3.67 -52.11
CA SER C 139 -31.17 4.59 -52.96
C SER C 139 -31.49 6.04 -52.55
N LYS C 140 -32.77 6.30 -52.32
CA LYS C 140 -33.18 7.64 -51.90
C LYS C 140 -32.60 7.99 -50.54
N THR C 141 -32.67 7.03 -49.61
CA THR C 141 -32.10 7.22 -48.28
C THR C 141 -30.61 7.57 -48.35
N ALA C 142 -29.90 6.88 -49.25
CA ALA C 142 -28.45 7.04 -49.40
C ALA C 142 -28.07 8.22 -50.30
N GLY C 143 -29.04 8.75 -51.03
CA GLY C 143 -28.78 9.85 -51.94
C GLY C 143 -27.96 9.42 -53.14
N ILE C 144 -28.16 8.18 -53.58
CA ILE C 144 -27.45 7.65 -54.74
C ILE C 144 -28.48 7.20 -55.78
N PRO C 145 -28.04 7.02 -57.04
CA PRO C 145 -28.96 6.60 -58.10
C PRO C 145 -29.55 5.22 -57.83
N GLU C 146 -30.82 5.04 -58.18
CA GLU C 146 -31.45 3.73 -58.04
C GLU C 146 -30.60 2.68 -58.75
N GLY C 147 -30.41 1.53 -58.12
CA GLY C 147 -29.71 0.43 -58.74
C GLY C 147 -28.25 0.28 -58.31
N GLU C 148 -27.71 1.32 -57.68
CA GLU C 148 -26.36 1.30 -57.14
C GLU C 148 -26.28 0.31 -55.98
N SER C 149 -25.08 -0.17 -55.68
CA SER C 149 -24.88 -1.15 -54.60
C SER C 149 -24.68 -0.48 -53.24
N LEU C 150 -25.04 -1.19 -52.17
CA LEU C 150 -24.80 -0.70 -50.82
C LEU C 150 -24.27 -1.79 -49.92
N ALA C 151 -23.44 -1.41 -48.96
CA ALA C 151 -23.15 -2.26 -47.82
C ALA C 151 -23.96 -1.68 -46.68
N TYR C 152 -24.85 -2.48 -46.10
CA TYR C 152 -25.73 -2.04 -45.03
C TYR C 152 -25.14 -2.63 -43.75
N LEU C 153 -24.51 -1.78 -42.94
CA LEU C 153 -23.68 -2.24 -41.82
C LEU C 153 -24.23 -1.70 -40.50
N ILE C 154 -24.65 -2.60 -39.62
CA ILE C 154 -25.26 -2.21 -38.35
C ILE C 154 -24.70 -3.07 -37.24
N ALA C 155 -24.40 -2.46 -36.08
CA ALA C 155 -23.99 -3.23 -34.91
C ALA C 155 -24.29 -2.40 -33.66
N PRO C 156 -24.03 -2.97 -32.45
CA PRO C 156 -24.23 -2.14 -31.27
C PRO C 156 -23.26 -0.95 -31.28
N PRO C 157 -23.50 0.05 -30.42
CA PRO C 157 -22.92 1.39 -30.62
C PRO C 157 -21.40 1.46 -30.82
N LEU C 158 -20.62 0.98 -29.85
CA LEU C 158 -19.17 1.07 -30.00
C LEU C 158 -18.68 0.19 -31.15
N GLU C 159 -19.20 -1.04 -31.21
CA GLU C 159 -18.77 -1.97 -32.25
C GLU C 159 -19.02 -1.35 -33.63
N ALA C 160 -20.17 -0.70 -33.79
CA ALA C 160 -20.54 -0.11 -35.08
C ALA C 160 -19.56 0.99 -35.50
N TYR C 162 -16.44 1.56 -34.46
CA TYR C 162 -15.12 0.95 -34.70
C TYR C 162 -15.10 0.16 -36.01
N ALA C 163 -16.13 -0.66 -36.24
CA ALA C 163 -16.15 -1.52 -37.42
C ALA C 163 -16.46 -0.76 -38.71
N LEU C 164 -17.26 0.29 -38.61
CA LEU C 164 -17.55 1.12 -39.78
C LEU C 164 -16.25 1.74 -40.27
N ASP C 165 -15.41 2.18 -39.34
CA ASP C 165 -14.11 2.73 -39.70
C ASP C 165 -13.25 1.68 -40.40
N VAL C 166 -13.25 0.46 -39.87
CA VAL C 166 -12.48 -0.63 -40.48
C VAL C 166 -13.01 -0.96 -41.88
N ALA C 167 -14.33 -0.93 -42.04
CA ALA C 167 -14.96 -1.23 -43.33
C ALA C 167 -14.60 -0.18 -44.36
N LEU C 168 -14.56 1.08 -43.94
CA LEU C 168 -14.24 2.17 -44.87
C LEU C 168 -12.80 2.02 -45.37
N LYS C 169 -11.94 1.44 -44.53
CA LYS C 169 -10.54 1.24 -44.89
C LYS C 169 -10.30 -0.02 -45.72
N ALA C 170 -11.30 -0.90 -45.79
CA ALA C 170 -11.10 -2.23 -46.39
C ALA C 170 -11.32 -2.30 -47.89
N ALA C 171 -11.98 -1.29 -48.45
CA ALA C 171 -12.31 -1.31 -49.88
C ALA C 171 -12.60 0.08 -50.40
N ASP C 172 -12.77 0.19 -51.71
CA ASP C 172 -13.03 1.48 -52.33
C ASP C 172 -14.50 1.80 -52.17
N VAL C 173 -14.88 2.22 -50.97
CA VAL C 173 -16.26 2.53 -50.65
C VAL C 173 -16.35 3.92 -50.05
N ARG C 174 -17.56 4.45 -49.99
CA ARG C 174 -17.77 5.81 -49.50
C ARG C 174 -19.00 5.80 -48.60
N LEU C 175 -18.95 6.56 -47.52
CA LEU C 175 -20.06 6.64 -46.57
C LEU C 175 -21.17 7.52 -47.12
N VAL C 176 -22.38 6.97 -47.28
CA VAL C 176 -23.48 7.75 -47.84
C VAL C 176 -24.64 7.94 -46.88
N ALA C 177 -24.66 7.19 -45.79
CA ALA C 177 -25.63 7.43 -44.73
C ALA C 177 -24.99 7.03 -43.42
N PHE C 178 -25.04 7.93 -42.45
CA PHE C 178 -24.36 7.68 -41.18
C PHE C 178 -25.39 7.51 -40.08
N TYR C 179 -25.40 6.35 -39.43
CA TYR C 179 -26.33 6.12 -38.35
C TYR C 179 -25.62 6.21 -37.00
N GLY C 180 -25.34 7.42 -36.54
CA GLY C 180 -24.69 7.56 -35.26
C GLY C 180 -25.57 6.98 -34.17
N PRO C 181 -25.00 6.20 -33.26
CA PRO C 181 -25.84 5.60 -32.22
C PRO C 181 -26.27 6.67 -31.22
N PRO C 182 -27.44 6.48 -30.60
CA PRO C 182 -28.29 5.31 -30.81
C PRO C 182 -29.32 5.52 -31.91
N SER C 183 -29.61 4.48 -32.69
CA SER C 183 -30.86 4.41 -33.41
C SER C 183 -31.94 4.17 -32.34
N GLU C 184 -33.21 4.14 -32.73
CA GLU C 184 -34.27 3.87 -31.75
C GLU C 184 -34.04 2.54 -31.02
N THR C 185 -33.44 1.57 -31.71
CA THR C 185 -33.18 0.25 -31.11
C THR C 185 -31.82 0.18 -30.39
N ASN C 186 -31.17 1.34 -30.27
CA ASN C 186 -29.86 1.43 -29.61
C ASN C 186 -28.74 0.72 -30.36
N PHE C 187 -28.82 0.72 -31.68
CA PHE C 187 -27.72 0.28 -32.53
C PHE C 187 -27.11 1.47 -33.30
N GLY C 188 -26.11 1.20 -34.12
CA GLY C 188 -25.52 2.24 -34.94
C GLY C 188 -24.96 1.65 -36.22
N GLY C 189 -24.41 2.49 -37.09
CA GLY C 189 -23.76 1.96 -38.29
C GLY C 189 -23.86 2.92 -39.45
N GLY C 190 -24.04 2.38 -40.66
CA GLY C 190 -24.12 3.24 -41.81
C GLY C 190 -24.36 2.47 -43.09
N LEU C 191 -24.60 3.23 -44.17
CA LEU C 191 -24.68 2.67 -45.51
C LEU C 191 -23.44 3.13 -46.28
N LEU C 192 -22.79 2.19 -46.96
CA LEU C 192 -21.61 2.52 -47.77
C LEU C 192 -21.94 2.16 -49.20
N THR C 193 -21.39 2.92 -50.16
CA THR C 193 -21.60 2.58 -51.57
C THR C 193 -20.25 2.43 -52.26
N GLY C 194 -20.28 1.75 -53.41
CA GLY C 194 -19.10 1.41 -54.17
C GLY C 194 -19.53 0.33 -55.13
N SER C 195 -18.60 -0.33 -55.81
CA SER C 195 -18.94 -1.43 -56.69
C SER C 195 -19.51 -2.56 -55.85
N GLN C 196 -20.19 -3.50 -56.49
CA GLN C 196 -20.74 -4.63 -55.77
C GLN C 196 -19.66 -5.37 -55.00
N SER C 197 -18.52 -5.63 -55.65
CA SER C 197 -17.46 -6.37 -54.98
C SER C 197 -16.85 -5.58 -53.82
N ALA C 198 -16.77 -4.26 -53.95
CA ALA C 198 -16.23 -3.42 -52.89
C ALA C 198 -17.17 -3.43 -51.67
N CYS C 199 -18.47 -3.34 -51.95
CA CYS C 199 -19.46 -3.40 -50.88
C CYS C 199 -19.38 -4.74 -50.15
N LYS C 200 -19.17 -5.81 -50.90
CA LYS C 200 -19.00 -7.13 -50.31
C LYS C 200 -17.74 -7.20 -49.42
N ALA C 201 -16.64 -6.62 -49.89
CA ALA C 201 -15.43 -6.57 -49.09
C ALA C 201 -15.65 -5.77 -47.80
N ALA C 202 -16.40 -4.67 -47.91
CA ALA C 202 -16.67 -3.85 -46.72
C ALA C 202 -17.48 -4.65 -45.70
N CYS C 203 -18.49 -5.40 -46.19
CA CYS C 203 -19.31 -6.24 -45.32
C CYS C 203 -18.46 -7.26 -44.55
N ASP C 204 -17.57 -7.95 -45.25
CA ASP C 204 -16.70 -8.94 -44.61
C ASP C 204 -15.82 -8.31 -43.54
N ALA C 205 -15.27 -7.13 -43.83
CA ALA C 205 -14.37 -6.48 -42.89
C ALA C 205 -15.13 -5.99 -41.67
N PHE C 206 -16.33 -5.46 -41.89
CA PHE C 206 -17.20 -5.00 -40.80
C PHE C 206 -17.51 -6.16 -39.84
N ALA C 207 -17.97 -7.27 -40.40
CA ALA C 207 -18.30 -8.45 -39.60
C ALA C 207 -17.10 -8.92 -38.76
N GLU C 208 -15.93 -8.97 -39.38
CA GLU C 208 -14.73 -9.41 -38.68
C GLU C 208 -14.39 -8.45 -37.53
N ALA C 209 -14.54 -7.15 -37.77
CA ALA C 209 -14.21 -6.15 -36.76
C ALA C 209 -15.18 -6.21 -35.57
N VAL C 210 -16.47 -6.41 -35.84
CA VAL C 210 -17.43 -6.53 -34.76
C VAL C 210 -17.05 -7.72 -33.87
N LYS C 211 -16.70 -8.84 -34.50
CA LYS C 211 -16.31 -10.03 -33.76
C LYS C 211 -15.03 -9.82 -32.92
N PHE C 212 -14.08 -9.08 -33.46
CA PHE C 212 -12.84 -8.75 -32.75
C PHE C 212 -13.15 -7.94 -31.47
N VAL C 213 -14.08 -6.99 -31.56
CA VAL C 213 -14.46 -6.22 -30.38
C VAL C 213 -15.17 -7.08 -29.36
N ALA C 214 -16.11 -7.90 -29.84
CA ALA C 214 -16.84 -8.79 -28.95
C ALA C 214 -15.87 -9.69 -28.17
N ASP C 215 -14.83 -10.18 -28.86
CA ASP C 215 -13.85 -11.07 -28.24
C ASP C 215 -13.04 -10.37 -27.15
N ASN C 216 -12.77 -9.07 -27.34
CA ASN C 216 -11.98 -8.33 -26.36
C ASN C 216 -12.41 -6.87 -26.23
N PRO C 217 -13.46 -6.62 -25.47
CA PRO C 217 -14.06 -5.28 -25.44
C PRO C 217 -13.21 -4.22 -24.75
N LEU C 218 -12.34 -4.61 -23.83
CA LEU C 218 -11.62 -3.64 -23.01
C LEU C 218 -10.14 -3.52 -23.35
N ASN C 219 -9.70 -4.17 -24.42
CA ASN C 219 -8.32 -4.03 -24.86
C ASN C 219 -8.14 -2.93 -25.90
N TYR C 220 -7.52 -1.82 -25.47
CA TYR C 220 -7.24 -0.71 -26.37
C TYR C 220 -5.80 -0.21 -26.30
N ALA D 3 29.93 17.58 32.67
CA ALA D 3 31.04 16.91 32.00
C ALA D 3 31.59 15.72 32.82
N LYS D 5 31.19 12.73 36.00
CA LYS D 5 30.18 11.90 36.67
C LYS D 5 29.62 12.60 37.91
N GLY D 6 28.30 12.68 37.99
CA GLY D 6 27.65 13.33 39.12
C GLY D 6 27.40 14.81 38.90
N ASP D 7 27.95 15.35 37.83
CA ASP D 7 27.76 16.76 37.52
C ASP D 7 26.35 17.01 37.05
N ARG D 8 25.79 18.13 37.48
CA ARG D 8 24.50 18.59 36.97
C ARG D 8 24.68 19.13 35.55
N LEU D 9 23.74 18.80 34.67
CA LEU D 9 23.78 19.24 33.28
C LEU D 9 22.73 20.32 33.14
N LYS D 10 23.17 21.57 33.17
CA LYS D 10 22.24 22.70 33.15
C LYS D 10 21.40 22.73 31.87
N ALA D 11 20.10 22.95 32.04
CA ALA D 11 19.20 23.14 30.91
C ALA D 11 19.11 24.61 30.52
N ASN D 12 18.77 24.88 29.25
CA ASN D 12 18.68 26.24 28.73
C ASN D 12 17.37 26.49 27.99
N VAL D 13 16.77 27.66 28.24
CA VAL D 13 15.65 28.13 27.45
C VAL D 13 16.19 28.79 26.18
N LEU D 14 15.66 28.40 25.03
CA LEU D 14 16.18 28.88 23.74
C LEU D 14 15.37 30.04 23.17
N ALA D 15 14.05 30.01 23.38
CA ALA D 15 13.19 31.05 22.85
C ALA D 15 11.92 31.14 23.67
N VAL D 16 11.37 32.35 23.76
CA VAL D 16 10.13 32.57 24.51
C VAL D 16 9.35 33.64 23.77
N ARG D 17 8.04 33.48 23.71
CA ARG D 17 7.20 34.48 23.06
C ARG D 17 5.85 34.54 23.75
N LEU D 18 5.39 35.75 24.01
CA LEU D 18 4.07 35.97 24.59
C LEU D 18 3.11 36.45 23.50
N ILE D 19 1.92 35.85 23.43
CA ILE D 19 0.85 36.34 22.56
C ILE D 19 -0.34 36.77 23.41
N PRO D 20 -0.55 38.10 23.53
CA PRO D 20 -1.58 38.66 24.43
C PRO D 20 -2.99 38.26 24.04
N ASN D 21 -3.28 38.17 22.75
CA ASN D 21 -4.62 37.80 22.31
C ASN D 21 -4.60 36.87 21.10
N VAL D 22 -4.56 35.57 21.36
CA VAL D 22 -4.36 34.60 20.30
C VAL D 22 -5.58 34.54 19.36
N ASP D 23 -5.33 34.27 18.09
CA ASP D 23 -6.43 34.13 17.14
C ASP D 23 -7.36 32.97 17.53
N SER D 24 -8.63 33.17 17.25
CA SER D 24 -9.68 32.20 17.55
C SER D 24 -9.41 30.79 17.00
N ASP D 25 -8.93 30.67 15.76
CA ASP D 25 -8.66 29.35 15.17
C ASP D 25 -7.58 28.64 15.97
N ALA D 27 -6.76 29.18 19.17
CA ALA D 27 -7.32 28.82 20.47
C ALA D 27 -8.03 27.47 20.41
N LYS D 28 -8.83 27.29 19.36
CA LYS D 28 -9.55 26.03 19.16
C LYS D 28 -8.61 24.84 18.97
N GLU D 29 -7.61 25.01 18.11
CA GLU D 29 -6.63 23.94 17.89
C GLU D 29 -5.87 23.57 19.15
N LEU D 30 -5.56 24.56 19.99
CA LEU D 30 -4.81 24.30 21.21
C LEU D 30 -5.76 23.85 22.33
N GLY D 31 -7.05 24.00 22.10
CA GLY D 31 -8.06 23.59 23.06
C GLY D 31 -8.11 24.51 24.27
N LEU D 32 -7.85 25.79 24.06
CA LEU D 32 -7.88 26.75 25.16
C LEU D 32 -9.30 26.93 25.68
N PRO D 33 -9.46 27.08 26.99
CA PRO D 33 -10.77 27.46 27.53
C PRO D 33 -11.19 28.82 26.98
N ASN D 34 -12.49 29.10 27.00
CA ASN D 34 -13.00 30.36 26.48
C ASN D 34 -12.35 31.60 27.08
N GLU D 35 -11.98 31.51 28.36
CA GLU D 35 -11.48 32.68 29.08
C GLU D 35 -9.99 32.92 28.89
N HIS D 36 -9.30 31.96 28.27
CA HIS D 36 -7.87 32.10 28.04
C HIS D 36 -7.60 32.52 26.61
N ARG D 37 -7.26 33.78 26.39
CA ARG D 37 -6.78 34.18 25.06
C ARG D 37 -5.34 34.69 25.05
N SER D 38 -4.66 34.65 26.19
CA SER D 38 -3.23 34.92 26.21
C SER D 38 -2.47 33.60 26.30
N ILE D 39 -1.41 33.44 25.51
CA ILE D 39 -0.57 32.26 25.66
C ILE D 39 0.90 32.65 25.68
N GLY D 40 1.72 31.79 26.29
CA GLY D 40 3.15 32.00 26.34
C GLY D 40 3.82 30.74 25.82
N ILE D 41 4.74 30.90 24.87
CA ILE D 41 5.36 29.76 24.22
C ILE D 41 6.84 29.76 24.56
N LEU D 42 7.38 28.58 24.85
CA LEU D 42 8.83 28.49 25.03
C LEU D 42 9.41 27.19 24.51
N THR D 43 10.67 27.24 24.11
CA THR D 43 11.39 26.03 23.76
C THR D 43 12.63 25.98 24.64
N ALA D 44 13.08 24.77 24.93
CA ALA D 44 14.26 24.59 25.75
C ALA D 44 14.99 23.35 25.27
N ASP D 45 16.19 23.13 25.81
CA ASP D 45 16.99 22.00 25.34
C ASP D 45 16.87 20.76 26.23
N CYS D 46 15.89 20.74 27.13
CA CYS D 46 15.69 19.56 27.97
C CYS D 46 14.21 19.35 28.28
N ASP D 47 13.63 18.26 27.78
CA ASP D 47 12.17 18.12 27.88
C ASP D 47 11.64 17.85 29.29
N ASP D 48 12.21 16.89 30.02
CA ASP D 48 11.61 16.58 31.31
C ASP D 48 11.81 17.68 32.37
N VAL D 49 12.93 18.39 32.28
CA VAL D 49 13.11 19.56 33.12
C VAL D 49 12.01 20.60 32.77
N THR D 50 11.72 20.73 31.49
CA THR D 50 10.71 21.70 31.04
C THR D 50 9.30 21.30 31.50
N TYR D 51 8.96 20.02 31.42
CA TYR D 51 7.66 19.59 31.92
C TYR D 51 7.51 19.88 33.42
N THR D 52 8.57 19.63 34.18
CA THR D 52 8.54 19.94 35.61
C THR D 52 8.36 21.45 35.82
N ALA D 53 9.02 22.25 34.99
CA ALA D 53 8.91 23.72 35.06
C ALA D 53 7.52 24.24 34.69
N LEU D 54 6.90 23.66 33.67
CA LEU D 54 5.56 24.05 33.27
C LEU D 54 4.58 23.76 34.41
N ASP D 55 4.79 22.63 35.08
CA ASP D 55 3.94 22.27 36.21
C ASP D 55 4.16 23.27 37.35
N GLU D 56 5.41 23.64 37.55
CA GLU D 56 5.73 24.63 38.58
C GLU D 56 5.06 25.97 38.29
N ALA D 57 4.96 26.33 37.01
CA ALA D 57 4.32 27.58 36.64
C ALA D 57 2.85 27.62 37.08
N THR D 58 2.17 26.48 37.02
CA THR D 58 0.75 26.46 37.43
C THR D 58 0.56 26.72 38.92
N LYS D 59 1.61 26.51 39.70
CA LYS D 59 1.55 26.80 41.13
C LYS D 59 1.84 28.26 41.42
N LYS D 60 2.47 28.95 40.48
CA LYS D 60 2.95 30.31 40.73
C LYS D 60 2.11 31.39 40.04
N ALA D 61 1.29 30.99 39.07
CA ALA D 61 0.51 31.96 38.31
C ALA D 61 -0.83 31.36 37.91
N VAL D 62 -1.76 32.21 37.47
CA VAL D 62 -3.05 31.74 37.00
C VAL D 62 -2.89 31.32 35.54
N VAL D 63 -2.30 30.15 35.36
CA VAL D 63 -2.04 29.62 34.03
C VAL D 63 -2.31 28.13 34.01
N ASP D 64 -2.66 27.62 32.84
CA ASP D 64 -2.74 26.18 32.58
C ASP D 64 -1.68 25.83 31.56
N VAL D 65 -1.23 24.58 31.57
CA VAL D 65 -0.35 24.10 30.51
C VAL D 65 -1.23 23.69 29.31
N ALA D 66 -1.11 24.40 28.20
CA ALA D 66 -1.95 24.11 27.04
C ALA D 66 -1.31 23.09 26.10
N TYR D 67 0.01 22.98 26.15
CA TYR D 67 0.71 22.18 25.15
C TYR D 67 2.09 21.85 25.69
N GLY D 68 2.55 20.63 25.45
CA GLY D 68 3.90 20.26 25.83
C GLY D 68 4.31 19.00 25.10
N LYS D 69 5.28 19.11 24.20
CA LYS D 69 5.67 17.98 23.37
C LYS D 69 7.17 17.93 23.16
N SER D 70 7.72 16.72 23.10
CA SER D 70 9.15 16.51 22.91
C SER D 70 9.50 16.25 21.44
N PHE D 71 10.72 16.59 21.05
CA PHE D 71 11.16 16.50 19.65
C PHE D 71 12.00 15.25 19.37
N TYR D 72 11.82 14.67 18.19
CA TYR D 72 12.44 13.40 17.84
C TYR D 72 13.97 13.48 17.82
N GLY D 73 14.61 12.65 18.63
CA GLY D 73 16.05 12.55 18.60
C GLY D 73 16.71 13.37 19.70
N GLY D 74 15.93 14.22 20.36
CA GLY D 74 16.47 15.03 21.44
C GLY D 74 17.36 16.17 20.95
N ALA D 75 17.84 16.98 21.89
CA ALA D 75 18.56 18.20 21.55
C ALA D 75 19.83 17.96 20.75
N ALA D 76 20.49 16.82 20.99
CA ALA D 76 21.71 16.50 20.30
C ALA D 76 21.48 16.37 18.78
N ASN D 77 20.23 16.11 18.40
CA ASN D 77 19.89 15.95 16.98
C ASN D 77 19.04 17.11 16.44
N ALA D 78 18.96 18.19 17.19
CA ALA D 78 18.16 19.33 16.74
C ALA D 78 18.67 19.80 15.36
N ASN D 79 17.75 20.09 14.45
CA ASN D 79 18.17 20.51 13.11
C ASN D 79 18.00 21.99 12.82
N THR D 80 17.49 22.74 13.80
CA THR D 80 17.50 24.21 13.75
C THR D 80 17.90 24.82 15.10
N LYS D 81 18.21 26.12 15.07
CA LYS D 81 18.79 26.83 16.22
C LYS D 81 17.92 26.90 17.48
N LEU D 82 16.63 27.18 17.32
CA LEU D 82 15.74 27.46 18.46
C LEU D 82 14.83 26.29 18.84
N ALA D 83 15.00 25.14 18.19
CA ALA D 83 14.14 23.99 18.47
C ALA D 83 14.42 23.32 19.83
N GLY D 84 15.68 23.05 20.13
CA GLY D 84 16.01 22.27 21.32
C GLY D 84 15.33 20.91 21.25
N GLU D 85 14.64 20.50 22.31
CA GLU D 85 13.93 19.22 22.25
C GLU D 85 12.53 19.26 22.86
N VAL D 86 12.01 20.46 23.10
CA VAL D 86 10.71 20.55 23.75
C VAL D 86 10.07 21.90 23.46
N ILE D 87 8.76 21.89 23.31
CA ILE D 87 8.01 23.15 23.28
C ILE D 87 6.93 23.07 24.34
N GLY D 88 6.74 24.17 25.05
CA GLY D 88 5.67 24.24 26.03
C GLY D 88 4.83 25.48 25.77
N ILE D 89 3.54 25.38 26.06
CA ILE D 89 2.66 26.54 25.94
C ILE D 89 1.81 26.68 27.19
N LEU D 90 1.88 27.85 27.81
CA LEU D 90 1.02 28.18 28.94
C LEU D 90 -0.12 29.07 28.43
N SER D 91 -1.32 28.89 28.98
CA SER D 91 -2.41 29.79 28.64
C SER D 91 -2.96 30.41 29.92
N GLY D 92 -3.57 31.59 29.79
CA GLY D 92 -4.05 32.31 30.94
C GLY D 92 -5.06 33.38 30.54
N PRO D 93 -5.71 33.97 31.54
CA PRO D 93 -6.79 34.94 31.27
C PRO D 93 -6.27 36.32 30.82
N THR D 94 -5.05 36.66 31.22
CA THR D 94 -4.47 37.96 30.88
C THR D 94 -2.99 37.82 30.59
N PRO D 95 -2.43 38.78 29.83
CA PRO D 95 -0.99 38.74 29.59
C PRO D 95 -0.19 38.81 30.89
N ALA D 96 -0.64 39.58 31.87
CA ALA D 96 0.11 39.70 33.13
C ALA D 96 0.30 38.34 33.81
N GLU D 97 -0.74 37.52 33.80
CA GLU D 97 -0.64 36.22 34.45
C GLU D 97 0.22 35.26 33.64
N VAL D 98 0.09 35.31 32.33
CA VAL D 98 0.95 34.48 31.48
C VAL D 98 2.42 34.86 31.62
N LYS D 99 2.70 36.17 31.69
CA LYS D 99 4.08 36.63 31.92
C LYS D 99 4.63 36.10 33.23
N SER D 100 3.80 36.11 34.28
CA SER D 100 4.22 35.55 35.57
C SER D 100 4.51 34.05 35.46
N GLY D 101 3.68 33.32 34.72
CA GLY D 101 3.92 31.90 34.50
C GLY D 101 5.17 31.63 33.71
N LEU D 102 5.39 32.42 32.65
CA LEU D 102 6.61 32.27 31.86
C LEU D 102 7.85 32.52 32.70
N ALA D 103 7.81 33.55 33.54
CA ALA D 103 8.93 33.86 34.42
C ALA D 103 9.21 32.67 35.34
N ALA D 104 8.15 32.08 35.87
CA ALA D 104 8.32 30.93 36.76
C ALA D 104 8.96 29.77 36.03
N ALA D 105 8.49 29.50 34.81
CA ALA D 105 8.99 28.36 34.03
C ALA D 105 10.44 28.55 33.64
N VAL D 106 10.78 29.74 33.12
CA VAL D 106 12.15 30.02 32.71
C VAL D 106 13.12 29.94 33.89
N ASP D 107 12.75 30.53 35.02
CA ASP D 107 13.60 30.45 36.19
C ASP D 107 13.82 28.99 36.61
N PHE D 108 12.76 28.18 36.54
CA PHE D 108 12.86 26.79 36.99
C PHE D 108 13.77 25.98 36.07
N ILE D 109 13.57 26.14 34.76
CA ILE D 109 14.38 25.42 33.77
C ILE D 109 15.87 25.73 33.91
N GLU D 110 16.19 26.98 34.15
CA GLU D 110 17.58 27.43 34.20
C GLU D 110 18.23 27.19 35.56
N ASN D 111 17.43 26.97 36.59
CA ASN D 111 17.99 26.91 37.95
C ASN D 111 17.60 25.76 38.86
N GLU D 112 16.42 25.19 38.68
CA GLU D 112 15.85 24.36 39.73
C GLU D 112 15.84 22.86 39.49
N ALA D 113 16.05 22.45 38.24
CA ALA D 113 16.08 21.01 37.94
C ALA D 113 17.07 20.76 36.83
N ALA D 114 17.70 19.59 36.87
CA ALA D 114 18.69 19.24 35.87
C ALA D 114 18.87 17.73 35.77
N PHE D 115 19.17 17.23 34.57
CA PHE D 115 19.71 15.88 34.45
C PHE D 115 21.10 15.84 35.09
N ILE D 116 21.53 14.65 35.49
CA ILE D 116 22.84 14.42 36.10
C ILE D 116 23.64 13.43 35.25
N SER D 117 24.93 13.71 35.03
CA SER D 117 25.78 12.80 34.27
C SER D 117 26.06 11.55 35.08
N ALA D 118 25.96 10.38 34.43
CA ALA D 118 26.19 9.11 35.12
C ALA D 118 27.56 8.52 34.81
N ASN D 119 28.35 9.22 34.00
CA ASN D 119 29.69 8.73 33.67
C ASN D 119 30.66 9.86 33.32
N ASP D 120 31.90 9.49 33.03
CA ASP D 120 32.97 10.48 32.93
C ASP D 120 33.02 11.24 31.61
N ASP D 121 32.48 10.66 30.54
CA ASP D 121 32.48 11.36 29.26
C ASP D 121 31.12 11.96 28.93
N ASP D 122 30.23 11.95 29.91
CA ASP D 122 28.95 12.59 29.75
C ASP D 122 28.10 11.99 28.63
N SER D 123 28.11 10.67 28.52
CA SER D 123 27.36 10.04 27.43
C SER D 123 26.18 9.24 27.97
N ILE D 124 26.00 9.27 29.29
CA ILE D 124 24.82 8.71 29.93
C ILE D 124 24.37 9.70 30.99
N ALA D 125 23.08 10.03 31.02
CA ALA D 125 22.55 10.97 32.01
C ALA D 125 21.18 10.53 32.47
N TYR D 126 20.77 11.00 33.65
CA TYR D 126 19.44 10.67 34.17
C TYR D 126 18.79 11.85 34.88
N PHE D 127 17.48 11.74 35.07
CA PHE D 127 16.70 12.72 35.79
C PHE D 127 16.09 11.98 36.96
N ALA D 128 16.28 12.49 38.17
CA ALA D 128 15.69 11.86 39.35
C ALA D 128 15.23 12.99 40.25
N HIS D 129 14.08 13.55 39.90
CA HIS D 129 13.61 14.78 40.51
C HIS D 129 12.41 14.53 41.39
N CYS D 130 12.47 14.99 42.63
CA CYS D 130 11.37 14.81 43.56
C CYS D 130 10.52 16.08 43.57
N ILE D 131 9.29 15.97 43.09
CA ILE D 131 8.35 17.09 43.16
C ILE D 131 7.54 16.91 44.44
N SER D 132 7.77 17.76 45.43
CA SER D 132 7.09 17.58 46.71
C SER D 132 5.60 17.89 46.60
N ARG D 133 5.26 18.85 45.75
CA ARG D 133 3.87 19.24 45.58
C ARG D 133 3.57 19.53 44.11
N THR D 134 2.89 18.60 43.45
CA THR D 134 2.55 18.79 42.04
C THR D 134 1.60 19.96 41.82
N GLY D 135 1.74 20.61 40.67
CA GLY D 135 0.76 21.58 40.20
C GLY D 135 -0.35 20.87 39.47
N THR D 136 -1.01 21.55 38.52
CA THR D 136 -2.17 20.99 37.85
C THR D 136 -1.83 20.16 36.62
N TYR D 137 -0.59 20.27 36.15
CA TYR D 137 -0.17 19.60 34.93
C TYR D 137 0.31 18.16 35.18
N LEU D 138 1.30 17.99 36.05
CA LEU D 138 1.84 16.64 36.32
C LEU D 138 0.88 15.80 37.17
N SER D 139 0.09 16.44 38.04
CA SER D 139 -0.93 15.69 38.77
C SER D 139 -1.92 15.05 37.79
N LYS D 140 -2.37 15.85 36.82
CA LYS D 140 -3.30 15.35 35.81
C LYS D 140 -2.66 14.26 34.95
N THR D 141 -1.41 14.47 34.56
CA THR D 141 -0.65 13.45 33.82
C THR D 141 -0.59 12.14 34.57
N ALA D 142 -0.38 12.22 35.89
CA ALA D 142 -0.20 11.05 36.74
C ALA D 142 -1.52 10.46 37.22
N GLY D 143 -2.60 11.20 37.00
CA GLY D 143 -3.91 10.77 37.47
C GLY D 143 -4.01 10.74 38.98
N ILE D 144 -3.39 11.73 39.62
CA ILE D 144 -3.44 11.85 41.08
C ILE D 144 -3.94 13.24 41.44
N PRO D 145 -4.40 13.42 42.69
CA PRO D 145 -4.88 14.74 43.14
C PRO D 145 -3.78 15.78 43.07
N GLU D 146 -4.13 16.99 42.66
CA GLU D 146 -3.18 18.10 42.67
C GLU D 146 -2.56 18.24 44.06
N GLY D 147 -1.25 18.47 44.10
CA GLY D 147 -0.56 18.68 45.37
C GLY D 147 0.16 17.46 45.91
N GLU D 148 -0.16 16.29 45.36
CA GLU D 148 0.50 15.04 45.74
C GLU D 148 1.95 15.05 45.26
N SER D 149 2.80 14.22 45.88
CA SER D 149 4.23 14.17 45.54
C SER D 149 4.53 13.20 44.40
N LEU D 150 5.63 13.45 43.70
CA LEU D 150 6.03 12.59 42.58
C LEU D 150 7.53 12.40 42.56
N ALA D 151 7.98 11.20 42.16
CA ALA D 151 9.35 11.01 41.74
C ALA D 151 9.33 10.97 40.22
N TYR D 152 10.05 11.89 39.59
CA TYR D 152 10.08 11.97 38.14
C TYR D 152 11.40 11.31 37.71
N LEU D 153 11.31 10.10 37.16
CA LEU D 153 12.50 9.29 36.92
C LEU D 153 12.69 9.00 35.42
N ILE D 154 13.81 9.45 34.87
CA ILE D 154 14.06 9.32 33.44
C ILE D 154 15.52 8.93 33.22
N ALA D 155 15.75 7.99 32.30
CA ALA D 155 17.11 7.64 31.91
C ALA D 155 17.08 7.01 30.50
N PRO D 156 18.25 6.70 29.93
CA PRO D 156 18.21 5.99 28.64
C PRO D 156 17.52 4.62 28.78
N PRO D 157 17.15 4.00 27.64
CA PRO D 157 16.14 2.93 27.67
C PRO D 157 16.37 1.76 28.65
N LEU D 158 17.48 1.05 28.52
CA LEU D 158 17.72 -0.09 29.42
C LEU D 158 17.91 0.37 30.86
N GLU D 159 18.71 1.42 31.04
CA GLU D 159 18.97 1.92 32.39
C GLU D 159 17.65 2.29 33.07
N ALA D 160 16.74 2.90 32.32
CA ALA D 160 15.48 3.36 32.89
C ALA D 160 14.60 2.20 33.36
N TYR D 162 15.56 -0.93 34.13
CA TYR D 162 16.24 -1.57 35.24
C TYR D 162 16.11 -0.71 36.51
N ALA D 163 16.39 0.58 36.38
CA ALA D 163 16.42 1.45 37.56
C ALA D 163 15.03 1.76 38.10
N LEU D 164 14.03 1.82 37.20
CA LEU D 164 12.64 2.02 37.64
C LEU D 164 12.20 0.86 38.53
N ASP D 165 12.60 -0.34 38.16
CA ASP D 165 12.30 -1.52 38.98
C ASP D 165 12.95 -1.41 40.36
N VAL D 166 14.22 -1.03 40.39
CA VAL D 166 14.91 -0.84 41.65
C VAL D 166 14.23 0.22 42.52
N ALA D 167 13.79 1.31 41.89
CA ALA D 167 13.17 2.42 42.61
C ALA D 167 11.86 1.95 43.22
N LEU D 168 11.12 1.14 42.47
CA LEU D 168 9.84 0.64 42.98
C LEU D 168 10.05 -0.23 44.20
N LYS D 169 11.20 -0.90 44.27
CA LYS D 169 11.48 -1.78 45.40
C LYS D 169 12.15 -1.07 46.58
N ALA D 170 12.46 0.21 46.41
CA ALA D 170 13.22 0.96 47.40
C ALA D 170 12.37 1.69 48.45
N ALA D 171 11.09 1.90 48.14
CA ALA D 171 10.24 2.69 49.03
C ALA D 171 8.78 2.36 48.77
N ASP D 172 7.90 2.92 49.62
CA ASP D 172 6.47 2.71 49.44
C ASP D 172 5.95 3.69 48.40
N VAL D 173 6.17 3.34 47.15
CA VAL D 173 5.78 4.17 46.02
C VAL D 173 5.01 3.32 45.03
N ARG D 174 4.25 3.96 44.15
CA ARG D 174 3.39 3.28 43.21
C ARG D 174 3.63 3.94 41.85
N LEU D 175 3.64 3.13 40.80
CA LEU D 175 3.85 3.63 39.44
C LEU D 175 2.55 4.25 38.93
N VAL D 176 2.60 5.53 38.57
CA VAL D 176 1.39 6.21 38.11
C VAL D 176 1.45 6.70 36.66
N ALA D 177 2.65 6.71 36.08
CA ALA D 177 2.79 6.93 34.65
C ALA D 177 4.01 6.18 34.16
N PHE D 178 3.83 5.40 33.10
CA PHE D 178 4.92 4.58 32.59
C PHE D 178 5.37 5.13 31.25
N TYR D 179 6.65 5.47 31.15
CA TYR D 179 7.21 5.97 29.90
C TYR D 179 8.10 4.91 29.27
N GLY D 180 7.48 3.88 28.70
CA GLY D 180 8.25 2.84 28.05
C GLY D 180 9.06 3.45 26.92
N PRO D 181 10.35 3.09 26.82
CA PRO D 181 11.20 3.67 25.79
C PRO D 181 10.84 3.11 24.41
N PRO D 182 11.03 3.91 23.36
CA PRO D 182 11.58 5.27 23.43
C PRO D 182 10.52 6.35 23.63
N SER D 183 10.83 7.37 24.41
CA SER D 183 10.17 8.66 24.27
C SER D 183 10.68 9.26 22.95
N GLU D 184 10.17 10.43 22.55
CA GLU D 184 10.66 11.06 21.31
C GLU D 184 12.16 11.33 21.36
N THR D 185 12.68 11.60 22.56
CA THR D 185 14.12 11.82 22.74
C THR D 185 14.93 10.54 22.97
N ASN D 186 14.26 9.39 22.85
CA ASN D 186 14.89 8.08 23.03
C ASN D 186 15.34 7.81 24.47
N PHE D 187 14.56 8.32 25.43
CA PHE D 187 14.72 7.98 26.84
C PHE D 187 13.49 7.18 27.30
N GLY D 188 13.46 6.84 28.59
CA GLY D 188 12.34 6.13 29.16
C GLY D 188 12.30 6.37 30.66
N GLY D 189 11.30 5.83 31.35
CA GLY D 189 11.25 6.04 32.78
C GLY D 189 9.81 6.04 33.25
N GLY D 190 9.52 6.86 34.24
CA GLY D 190 8.17 6.88 34.77
C GLY D 190 7.99 7.89 35.88
N LEU D 191 6.73 8.07 36.27
CA LEU D 191 6.36 8.88 37.42
C LEU D 191 5.89 7.95 38.53
N LEU D 192 6.41 8.14 39.73
CA LEU D 192 6.02 7.35 40.89
C LEU D 192 5.40 8.30 41.90
N THR D 193 4.40 7.84 42.65
CA THR D 193 3.84 8.65 43.74
C THR D 193 3.95 7.94 45.08
N GLY D 194 3.90 8.71 46.16
CA GLY D 194 4.03 8.19 47.51
C GLY D 194 4.17 9.42 48.41
N SER D 195 4.56 9.22 49.65
CA SER D 195 4.83 10.35 50.52
C SER D 195 6.03 11.10 49.96
N GLN D 196 6.25 12.33 50.42
CA GLN D 196 7.39 13.08 49.92
C GLN D 196 8.70 12.34 50.22
N SER D 197 8.81 11.78 51.42
CA SER D 197 10.03 11.07 51.77
C SER D 197 10.24 9.76 50.97
N ALA D 198 9.15 9.07 50.66
CA ALA D 198 9.23 7.86 49.85
C ALA D 198 9.66 8.19 48.41
N CYS D 199 9.12 9.27 47.86
CA CYS D 199 9.51 9.70 46.52
C CYS D 199 10.99 10.07 46.47
N LYS D 200 11.47 10.73 47.51
CA LYS D 200 12.89 11.04 47.62
C LYS D 200 13.75 9.77 47.68
N ALA D 201 13.32 8.79 48.46
CA ALA D 201 14.05 7.52 48.54
C ALA D 201 14.08 6.85 47.17
N ALA D 202 12.98 6.93 46.44
CA ALA D 202 12.92 6.30 45.12
C ALA D 202 13.89 7.00 44.16
N CYS D 203 13.92 8.33 44.20
CA CYS D 203 14.88 9.12 43.41
C CYS D 203 16.33 8.68 43.66
N ASP D 204 16.71 8.59 44.93
CA ASP D 204 18.06 8.18 45.29
C ASP D 204 18.40 6.77 44.79
N ALA D 205 17.46 5.85 44.91
CA ALA D 205 17.68 4.47 44.46
C ALA D 205 17.80 4.41 42.94
N PHE D 206 16.97 5.18 42.24
CA PHE D 206 16.99 5.23 40.79
C PHE D 206 18.35 5.70 40.29
N ALA D 207 18.84 6.79 40.89
CA ALA D 207 20.13 7.38 40.50
C ALA D 207 21.25 6.38 40.65
N GLU D 208 21.28 5.71 41.80
CA GLU D 208 22.31 4.72 42.06
C GLU D 208 22.26 3.55 41.06
N ALA D 209 21.05 3.10 40.74
CA ALA D 209 20.89 2.01 39.78
C ALA D 209 21.33 2.38 38.36
N VAL D 210 21.02 3.60 37.92
CA VAL D 210 21.49 4.04 36.60
C VAL D 210 23.02 4.03 36.57
N LYS D 211 23.61 4.57 37.62
CA LYS D 211 25.07 4.61 37.71
C LYS D 211 25.69 3.20 37.72
N PHE D 212 25.00 2.26 38.37
N PHE D 212 25.02 2.26 38.38
CA PHE D 212 25.44 0.87 38.42
CA PHE D 212 25.50 0.87 38.39
C PHE D 212 25.46 0.24 37.02
C PHE D 212 25.52 0.31 36.98
N VAL D 213 24.46 0.57 36.21
CA VAL D 213 24.41 0.07 34.84
C VAL D 213 25.48 0.71 33.99
N ALA D 214 25.64 2.03 34.12
CA ALA D 214 26.69 2.74 33.39
C ALA D 214 28.06 2.12 33.68
N ASP D 215 28.30 1.77 34.94
CA ASP D 215 29.60 1.21 35.35
C ASP D 215 29.88 -0.16 34.73
N ASN D 216 28.83 -0.96 34.55
CA ASN D 216 28.98 -2.32 34.05
C ASN D 216 27.79 -2.75 33.19
N PRO D 217 27.77 -2.30 31.94
CA PRO D 217 26.56 -2.51 31.11
C PRO D 217 26.32 -3.96 30.67
N LEU D 218 27.38 -4.78 30.57
CA LEU D 218 27.24 -6.10 29.97
C LEU D 218 27.33 -7.25 30.95
N ASN D 219 27.48 -6.96 32.23
CA ASN D 219 27.55 -8.02 33.23
C ASN D 219 26.17 -8.33 33.82
N TYR D 220 25.61 -9.47 33.44
CA TYR D 220 24.31 -9.89 33.94
C TYR D 220 24.33 -11.29 34.55
N ALA E 3 24.84 -60.52 19.08
CA ALA E 3 23.74 -59.82 18.44
C ALA E 3 23.29 -60.56 17.18
N LYS E 5 20.67 -60.91 13.55
CA LYS E 5 20.21 -60.11 12.43
C LYS E 5 19.01 -59.23 12.84
N GLY E 6 19.13 -57.93 12.61
CA GLY E 6 18.06 -57.00 12.89
C GLY E 6 18.14 -56.37 14.27
N ASP E 7 19.08 -56.83 15.09
CA ASP E 7 19.25 -56.26 16.42
C ASP E 7 19.90 -54.88 16.33
N ARG E 8 19.44 -53.94 17.16
CA ARG E 8 20.08 -52.64 17.25
CA ARG E 8 20.07 -52.63 17.28
C ARG E 8 21.36 -52.78 18.05
N LEU E 9 22.40 -52.09 17.61
CA LEU E 9 23.68 -52.14 18.29
C LEU E 9 23.86 -50.84 19.09
N LYS E 10 23.70 -50.92 20.40
CA LYS E 10 23.70 -49.71 21.22
C LYS E 10 25.07 -49.03 21.20
N ALA E 11 25.07 -47.71 21.04
CA ALA E 11 26.30 -46.92 21.11
C ALA E 11 26.52 -46.46 22.55
N ASN E 12 27.78 -46.22 22.90
CA ASN E 12 28.12 -45.80 24.25
C ASN E 12 29.02 -44.58 24.24
N VAL E 13 28.74 -43.65 25.15
CA VAL E 13 29.64 -42.52 25.40
C VAL E 13 30.73 -42.97 26.37
N LEU E 14 31.99 -42.70 26.02
CA LEU E 14 33.12 -43.21 26.80
C LEU E 14 33.67 -42.19 27.79
N ALA E 15 33.64 -40.92 27.41
CA ALA E 15 34.21 -39.88 28.26
C ALA E 15 33.60 -38.52 27.88
N VAL E 16 33.51 -37.61 28.86
CA VAL E 16 32.93 -36.27 28.65
C VAL E 16 33.70 -35.28 29.52
N ARG E 17 34.02 -34.12 28.97
CA ARG E 17 34.58 -33.03 29.79
C ARG E 17 33.98 -31.69 29.36
N LEU E 18 33.73 -30.83 30.35
CA LEU E 18 33.25 -29.48 30.09
C LEU E 18 34.36 -28.51 30.47
N ILE E 19 34.75 -27.66 29.52
CA ILE E 19 35.73 -26.60 29.80
C ILE E 19 35.05 -25.24 29.76
N PRO E 20 34.90 -24.60 30.94
CA PRO E 20 34.10 -23.37 31.07
C PRO E 20 34.68 -22.16 30.34
N ASN E 21 36.01 -22.06 30.29
CA ASN E 21 36.68 -20.92 29.67
C ASN E 21 37.97 -21.34 28.97
N VAL E 22 37.84 -21.81 27.73
CA VAL E 22 38.97 -22.42 27.02
C VAL E 22 40.06 -21.39 26.70
N ASP E 23 41.31 -21.84 26.69
CA ASP E 23 42.43 -20.95 26.35
C ASP E 23 42.25 -20.34 24.96
N SER E 24 42.61 -19.07 24.81
CA SER E 24 42.40 -18.38 23.54
C SER E 24 43.16 -18.99 22.36
N ASP E 25 44.36 -19.55 22.60
CA ASP E 25 45.11 -20.24 21.55
C ASP E 25 44.31 -21.43 20.99
N ALA E 27 41.03 -21.89 21.30
CA ALA E 27 39.81 -21.36 20.69
C ALA E 27 40.09 -21.06 19.22
N LYS E 28 41.24 -20.45 18.94
CA LYS E 28 41.64 -20.16 17.57
C LYS E 28 41.83 -21.43 16.74
N GLU E 29 42.57 -22.41 17.29
CA GLU E 29 42.86 -23.64 16.57
C GLU E 29 41.59 -24.44 16.29
N LEU E 30 40.58 -24.29 17.13
CA LEU E 30 39.29 -24.96 16.92
C LEU E 30 38.32 -24.13 16.09
N GLY E 31 38.66 -22.86 15.85
CA GLY E 31 37.83 -21.98 15.05
C GLY E 31 36.49 -21.58 15.67
N LEU E 32 36.49 -21.36 16.98
CA LEU E 32 35.26 -20.96 17.70
C LEU E 32 34.89 -19.50 17.40
N PRO E 33 33.60 -19.13 17.55
CA PRO E 33 33.21 -17.72 17.41
C PRO E 33 33.67 -16.90 18.60
N ASN E 34 34.13 -15.67 18.34
CA ASN E 34 34.69 -14.81 19.38
C ASN E 34 33.89 -14.86 20.67
N GLU E 35 32.61 -15.15 20.54
CA GLU E 35 31.69 -15.17 21.67
C GLU E 35 31.61 -16.53 22.40
N HIS E 36 32.25 -17.59 21.84
CA HIS E 36 32.19 -18.91 22.47
C HIS E 36 33.51 -19.28 23.14
N ARG E 37 33.53 -19.29 24.46
CA ARG E 37 34.72 -19.79 25.16
C ARG E 37 34.47 -21.01 26.06
N SER E 38 33.24 -21.50 26.10
CA SER E 38 32.94 -22.76 26.78
C SER E 38 32.86 -23.87 25.75
N ILE E 39 33.48 -25.01 26.02
CA ILE E 39 33.34 -26.15 25.13
C ILE E 39 33.05 -27.42 25.92
N GLY E 40 32.38 -28.35 25.26
CA GLY E 40 32.07 -29.64 25.84
C GLY E 40 32.61 -30.70 24.91
N ILE E 41 33.40 -31.63 25.43
CA ILE E 41 34.07 -32.63 24.63
C ILE E 41 33.54 -34.00 25.02
N LEU E 42 33.29 -34.84 24.04
CA LEU E 42 32.90 -36.22 24.33
C LEU E 42 33.51 -37.16 23.31
N THR E 43 33.75 -38.39 23.73
CA THR E 43 34.09 -39.47 22.82
C THR E 43 33.08 -40.60 22.98
N ALA E 44 32.88 -41.35 21.90
CA ALA E 44 31.89 -42.43 21.89
C ALA E 44 32.39 -43.54 20.98
N ASP E 45 31.72 -44.68 21.00
CA ASP E 45 32.16 -45.82 20.21
C ASP E 45 31.43 -45.98 18.87
N CYS E 46 30.67 -44.96 18.46
CA CYS E 46 30.01 -45.02 17.17
C CYS E 46 29.92 -43.62 16.55
N ASP E 47 30.59 -43.42 15.43
CA ASP E 47 30.72 -42.06 14.92
C ASP E 47 29.44 -41.49 14.30
N ASP E 48 28.77 -42.24 13.44
CA ASP E 48 27.60 -41.64 12.78
C ASP E 48 26.42 -41.39 13.73
N VAL E 49 26.25 -42.26 14.73
CA VAL E 49 25.29 -42.00 15.78
C VAL E 49 25.63 -40.69 16.50
N THR E 50 26.92 -40.52 16.77
CA THR E 50 27.38 -39.31 17.46
C THR E 50 27.18 -38.04 16.64
N TYR E 51 27.45 -38.09 15.34
CA TYR E 51 27.21 -36.92 14.50
C TYR E 51 25.73 -36.52 14.49
N THR E 52 24.87 -37.53 14.42
CA THR E 52 23.44 -37.29 14.52
C THR E 52 23.07 -36.67 15.86
N ALA E 53 23.71 -37.14 16.92
CA ALA E 53 23.45 -36.62 18.26
C ALA E 53 23.92 -35.17 18.43
N LEU E 54 25.10 -34.87 17.90
CA LEU E 54 25.65 -33.52 17.99
C LEU E 54 24.70 -32.56 17.29
N ASP E 55 24.21 -32.98 16.13
CA ASP E 55 23.27 -32.16 15.38
C ASP E 55 21.98 -31.94 16.17
N GLU E 56 21.46 -33.01 16.77
CA GLU E 56 20.28 -32.89 17.62
C GLU E 56 20.52 -31.95 18.80
N ALA E 57 21.74 -31.95 19.35
CA ALA E 57 22.07 -31.15 20.52
C ALA E 57 22.00 -29.64 20.25
N THR E 58 22.05 -29.25 18.99
CA THR E 58 22.01 -27.83 18.66
C THR E 58 20.59 -27.28 18.77
N LYS E 59 19.61 -28.15 18.98
CA LYS E 59 18.21 -27.79 18.89
C LYS E 59 17.61 -27.13 20.13
N LYS E 60 17.97 -27.61 21.32
CA LYS E 60 17.36 -27.06 22.54
C LYS E 60 18.36 -26.25 23.35
N ALA E 61 19.60 -26.13 22.87
CA ALA E 61 20.61 -25.41 23.63
C ALA E 61 21.33 -24.43 22.74
N VAL E 62 21.93 -23.42 23.35
CA VAL E 62 22.69 -22.43 22.59
C VAL E 62 24.11 -22.97 22.40
N VAL E 63 24.26 -23.89 21.45
CA VAL E 63 25.55 -24.48 21.13
C VAL E 63 25.73 -24.65 19.62
N ASP E 64 26.99 -24.67 19.19
CA ASP E 64 27.38 -25.04 17.84
C ASP E 64 28.23 -26.30 17.92
N VAL E 65 28.20 -27.12 16.88
CA VAL E 65 29.16 -28.23 16.79
C VAL E 65 30.46 -27.67 16.26
N ALA E 66 31.48 -27.65 17.12
CA ALA E 66 32.76 -27.04 16.78
C ALA E 66 33.73 -28.02 16.10
N TYR E 67 33.55 -29.31 16.38
CA TYR E 67 34.54 -30.32 15.97
C TYR E 67 33.88 -31.68 15.98
N GLY E 68 34.20 -32.49 14.99
CA GLY E 68 33.63 -33.83 14.93
C GLY E 68 34.46 -34.63 13.97
N LYS E 69 35.21 -35.60 14.48
CA LYS E 69 36.10 -36.41 13.64
C LYS E 69 36.08 -37.88 14.06
N SER E 70 36.24 -38.75 13.07
CA SER E 70 36.20 -40.20 13.27
C SER E 70 37.62 -40.75 13.28
N PHE E 71 37.79 -41.87 14.00
CA PHE E 71 39.12 -42.44 14.23
C PHE E 71 39.42 -43.62 13.32
N TYR E 72 40.67 -43.69 12.86
CA TYR E 72 41.08 -44.69 11.86
C TYR E 72 40.88 -46.10 12.35
N GLY E 73 40.14 -46.89 11.57
CA GLY E 73 39.93 -48.30 11.87
C GLY E 73 38.67 -48.60 12.65
N GLY E 74 38.04 -47.57 13.20
CA GLY E 74 36.81 -47.75 13.96
C GLY E 74 37.05 -48.29 15.37
N ALA E 75 35.96 -48.46 16.12
CA ALA E 75 36.06 -48.83 17.53
C ALA E 75 36.69 -50.21 17.75
N ALA E 76 36.51 -51.13 16.81
CA ALA E 76 37.07 -52.48 16.93
C ALA E 76 38.60 -52.45 16.95
N ASN E 77 39.17 -51.38 16.41
CA ASN E 77 40.63 -51.23 16.38
C ASN E 77 41.14 -50.18 17.36
N ALA E 78 40.29 -49.73 18.27
CA ALA E 78 40.72 -48.71 19.23
C ALA E 78 41.94 -49.21 20.00
N ASN E 79 42.93 -48.33 20.20
CA ASN E 79 44.15 -48.73 20.89
C ASN E 79 44.30 -48.17 22.30
N THR E 80 43.31 -47.41 22.76
CA THR E 80 43.24 -46.95 24.15
C THR E 80 41.79 -47.01 24.64
N LYS E 81 41.62 -46.97 25.96
CA LYS E 81 40.33 -47.21 26.59
C LYS E 81 39.22 -46.20 26.27
N LEU E 82 39.56 -44.91 26.18
CA LEU E 82 38.53 -43.89 26.01
C LEU E 82 38.42 -43.31 24.61
N ALA E 83 39.12 -43.90 23.65
CA ALA E 83 39.12 -43.36 22.28
C ALA E 83 37.81 -43.62 21.54
N GLY E 84 37.34 -44.86 21.59
CA GLY E 84 36.17 -45.24 20.80
C GLY E 84 36.49 -45.00 19.34
N GLU E 85 35.60 -44.32 18.62
CA GLU E 85 35.91 -44.04 17.22
C GLU E 85 35.50 -42.63 16.78
N VAL E 86 35.19 -41.77 17.73
CA VAL E 86 34.74 -40.42 17.40
C VAL E 86 34.96 -39.46 18.55
N ILE E 87 35.32 -38.22 18.21
CA ILE E 87 35.33 -37.16 19.20
C ILE E 87 34.45 -36.03 18.66
N GLY E 88 33.63 -35.46 19.54
CA GLY E 88 32.80 -34.32 19.20
C GLY E 88 33.04 -33.20 20.20
N ILE E 89 32.97 -31.96 19.72
CA ILE E 89 33.09 -30.80 20.61
C ILE E 89 31.94 -29.84 20.33
N LEU E 90 31.21 -29.47 21.36
CA LEU E 90 30.18 -28.44 21.29
C LEU E 90 30.78 -27.16 21.87
N SER E 91 30.48 -26.02 21.27
CA SER E 91 30.91 -24.76 21.86
C SER E 91 29.67 -23.91 22.14
N GLY E 92 29.79 -23.02 23.09
CA GLY E 92 28.70 -22.11 23.37
C GLY E 92 29.18 -20.98 24.22
N PRO E 93 28.29 -20.02 24.50
CA PRO E 93 28.70 -18.77 25.16
C PRO E 93 28.87 -18.91 26.67
N THR E 94 28.23 -19.90 27.28
CA THR E 94 28.35 -20.13 28.72
C THR E 94 28.38 -21.62 29.04
N PRO E 95 28.93 -21.96 30.22
CA PRO E 95 28.94 -23.36 30.67
C PRO E 95 27.53 -23.95 30.79
N ALA E 96 26.57 -23.16 31.26
CA ALA E 96 25.19 -23.66 31.40
C ALA E 96 24.62 -24.14 30.05
N GLU E 97 24.87 -23.37 28.99
CA GLU E 97 24.38 -23.77 27.68
C GLU E 97 25.10 -25.00 27.14
N VAL E 98 26.42 -25.04 27.30
CA VAL E 98 27.17 -26.22 26.84
C VAL E 98 26.78 -27.48 27.62
N LYS E 99 26.56 -27.33 28.92
CA LYS E 99 26.14 -28.47 29.74
C LYS E 99 24.81 -29.02 29.22
N SER E 100 23.92 -28.13 28.84
CA SER E 100 22.62 -28.52 28.28
C SER E 100 22.79 -29.26 26.94
N GLY E 101 23.68 -28.74 26.09
CA GLY E 101 23.97 -29.42 24.83
C GLY E 101 24.57 -30.80 25.05
N LEU E 102 25.49 -30.92 26.00
CA LEU E 102 26.09 -32.22 26.31
C LEU E 102 25.05 -33.20 26.80
N ALA E 103 24.14 -32.74 27.65
CA ALA E 103 23.10 -33.62 28.18
C ALA E 103 22.28 -34.20 27.02
N ALA E 104 21.97 -33.36 26.05
CA ALA E 104 21.16 -33.80 24.92
C ALA E 104 21.91 -34.80 24.05
N ALA E 105 23.19 -34.51 23.80
CA ALA E 105 24.00 -35.37 22.94
C ALA E 105 24.20 -36.74 23.58
N VAL E 106 24.53 -36.77 24.86
CA VAL E 106 24.76 -38.05 25.55
C VAL E 106 23.48 -38.88 25.56
N ASP E 107 22.36 -38.24 25.93
CA ASP E 107 21.08 -38.93 25.91
C ASP E 107 20.78 -39.53 24.53
N PHE E 108 21.03 -38.77 23.47
CA PHE E 108 20.73 -39.23 22.12
C PHE E 108 21.62 -40.41 21.72
N ILE E 109 22.93 -40.28 21.94
CA ILE E 109 23.86 -41.33 21.52
C ILE E 109 23.47 -42.67 22.12
N GLU E 110 23.06 -42.64 23.37
CA GLU E 110 22.82 -43.88 24.08
C GLU E 110 21.42 -44.46 23.92
N ASN E 111 20.49 -43.66 23.39
CA ASN E 111 19.07 -44.09 23.34
C ASN E 111 18.33 -43.93 22.01
N GLU E 112 18.77 -43.02 21.14
CA GLU E 112 17.87 -42.58 20.07
C GLU E 112 18.28 -42.98 18.64
N ALA E 113 19.46 -43.55 18.50
CA ALA E 113 19.93 -43.96 17.18
C ALA E 113 20.93 -45.08 17.35
N ALA E 114 20.97 -45.99 16.37
CA ALA E 114 21.87 -47.13 16.46
C ALA E 114 22.09 -47.75 15.09
N PHE E 115 23.26 -48.36 14.90
CA PHE E 115 23.46 -49.24 13.77
C PHE E 115 22.66 -50.51 14.01
N ILE E 116 22.35 -51.23 12.92
CA ILE E 116 21.59 -52.46 12.98
C ILE E 116 22.43 -53.58 12.38
N SER E 117 22.41 -54.76 13.02
CA SER E 117 23.16 -55.90 12.48
C SER E 117 22.48 -56.48 11.25
N ALA E 118 23.24 -56.74 10.20
CA ALA E 118 22.69 -57.21 8.93
C ALA E 118 22.80 -58.71 8.75
N ASN E 119 23.50 -59.38 9.66
CA ASN E 119 23.64 -60.83 9.59
C ASN E 119 23.66 -61.47 10.98
N ASP E 120 23.82 -62.78 11.04
CA ASP E 120 23.75 -63.47 12.32
C ASP E 120 25.09 -63.54 13.03
N ASP E 121 26.16 -63.17 12.33
CA ASP E 121 27.51 -63.13 12.89
C ASP E 121 27.77 -61.81 13.59
N ASP E 122 26.93 -60.82 13.33
CA ASP E 122 27.21 -59.47 13.81
C ASP E 122 28.53 -59.01 13.18
N SER E 123 28.70 -59.30 11.90
CA SER E 123 29.94 -58.91 11.21
C SER E 123 29.66 -57.92 10.07
N ILE E 124 28.38 -57.61 9.86
CA ILE E 124 27.98 -56.57 8.92
C ILE E 124 26.88 -55.76 9.60
N ALA E 125 27.00 -54.44 9.52
CA ALA E 125 26.03 -53.57 10.17
C ALA E 125 25.82 -52.30 9.35
N TYR E 126 24.67 -51.67 9.53
CA TYR E 126 24.36 -50.47 8.76
C TYR E 126 23.63 -49.44 9.61
N PHE E 127 23.65 -48.20 9.14
CA PHE E 127 22.93 -47.09 9.75
C PHE E 127 21.93 -46.59 8.71
N ALA E 128 20.65 -46.50 9.09
CA ALA E 128 19.64 -45.99 8.18
C ALA E 128 18.70 -45.16 9.02
N HIS E 129 19.15 -43.97 9.36
CA HIS E 129 18.46 -43.13 10.31
C HIS E 129 17.78 -41.98 9.61
N CYS E 130 16.49 -41.79 9.87
CA CYS E 130 15.75 -40.70 9.26
C CYS E 130 15.70 -39.55 10.24
N ILE E 131 16.35 -38.44 9.87
CA ILE E 131 16.32 -37.23 10.67
C ILE E 131 15.15 -36.37 10.20
N SER E 132 14.13 -36.22 11.06
CA SER E 132 12.94 -35.46 10.72
C SER E 132 13.25 -33.99 10.49
N ARG E 133 13.99 -33.41 11.43
CA ARG E 133 14.36 -32.00 11.37
C ARG E 133 15.84 -31.84 11.71
N THR E 134 16.65 -31.45 10.75
CA THR E 134 18.07 -31.26 11.04
C THR E 134 18.27 -30.03 11.92
N GLY E 135 19.32 -30.09 12.73
CA GLY E 135 19.82 -28.93 13.44
C GLY E 135 20.79 -28.17 12.53
N THR E 136 21.74 -27.46 13.13
CA THR E 136 22.60 -26.58 12.35
C THR E 136 23.85 -27.26 11.83
N TYR E 137 24.12 -28.47 12.30
CA TYR E 137 25.38 -29.16 11.97
C TYR E 137 25.25 -29.99 10.70
N LEU E 138 24.28 -30.88 10.66
CA LEU E 138 24.15 -31.73 9.49
C LEU E 138 23.47 -31.00 8.32
N SER E 139 22.71 -29.95 8.62
CA SER E 139 22.15 -29.12 7.55
C SER E 139 23.30 -28.43 6.82
N LYS E 140 24.25 -27.89 7.58
CA LYS E 140 25.44 -27.29 6.99
C LYS E 140 26.30 -28.31 6.24
N THR E 141 26.54 -29.48 6.84
CA THR E 141 27.26 -30.56 6.17
C THR E 141 26.64 -30.88 4.81
N ALA E 142 25.32 -30.95 4.77
CA ALA E 142 24.60 -31.37 3.57
C ALA E 142 24.34 -30.21 2.61
N GLY E 143 24.68 -28.99 3.05
CA GLY E 143 24.45 -27.80 2.24
C GLY E 143 22.97 -27.51 2.04
N ILE E 144 22.16 -27.86 3.03
CA ILE E 144 20.72 -27.58 2.96
C ILE E 144 20.30 -26.70 4.14
N PRO E 145 19.09 -26.15 4.08
CA PRO E 145 18.64 -25.27 5.17
C PRO E 145 18.38 -26.05 6.46
N GLU E 146 18.66 -25.43 7.59
CA GLU E 146 18.30 -25.98 8.88
C GLU E 146 16.82 -26.36 8.90
N GLY E 147 16.53 -27.54 9.45
CA GLY E 147 15.15 -27.97 9.59
C GLY E 147 14.69 -28.95 8.53
N GLU E 148 15.44 -29.05 7.44
CA GLU E 148 15.15 -30.04 6.40
C GLU E 148 15.37 -31.49 6.88
N SER E 149 14.69 -32.43 6.25
CA SER E 149 14.83 -33.84 6.61
C SER E 149 16.05 -34.46 5.94
N LEU E 150 16.60 -35.51 6.55
CA LEU E 150 17.70 -36.26 5.95
C LEU E 150 17.51 -37.77 6.11
N ALA E 151 17.98 -38.53 5.13
CA ALA E 151 18.26 -39.96 5.34
C ALA E 151 19.76 -40.09 5.53
N TYR E 152 20.18 -40.62 6.68
CA TYR E 152 21.59 -40.75 7.00
C TYR E 152 21.89 -42.23 6.82
N LEU E 153 22.62 -42.57 5.75
CA LEU E 153 22.75 -43.95 5.29
C LEU E 153 24.20 -44.38 5.25
N ILE E 154 24.57 -45.37 6.07
CA ILE E 154 25.96 -45.80 6.19
C ILE E 154 26.04 -47.32 6.24
N ALA E 155 27.00 -47.89 5.54
CA ALA E 155 27.23 -49.32 5.56
C ALA E 155 28.68 -49.62 5.16
N PRO E 156 29.09 -50.90 5.23
CA PRO E 156 30.47 -51.14 4.78
C PRO E 156 30.58 -50.87 3.27
N PRO E 157 31.81 -50.76 2.75
CA PRO E 157 32.09 -50.12 1.46
C PRO E 157 31.24 -50.58 0.26
N LEU E 158 31.25 -51.86 -0.09
CA LEU E 158 30.47 -52.31 -1.24
C LEU E 158 28.96 -52.23 -0.96
N GLU E 159 28.55 -52.70 0.21
CA GLU E 159 27.16 -52.65 0.59
C GLU E 159 26.62 -51.23 0.47
N ALA E 160 27.43 -50.27 0.88
CA ALA E 160 27.01 -48.88 0.94
C ALA E 160 26.76 -48.33 -0.46
N TYR E 162 26.16 -50.02 -3.31
CA TYR E 162 25.02 -50.70 -3.91
C TYR E 162 23.72 -50.20 -3.29
N ALA E 163 23.70 -50.14 -1.97
CA ALA E 163 22.48 -49.77 -1.25
C ALA E 163 22.11 -48.30 -1.41
N LEU E 164 23.11 -47.43 -1.54
CA LEU E 164 22.83 -46.01 -1.74
C LEU E 164 22.10 -45.83 -3.06
N ASP E 165 22.52 -46.57 -4.08
CA ASP E 165 21.89 -46.51 -5.39
C ASP E 165 20.45 -47.00 -5.31
N VAL E 166 20.22 -48.08 -4.58
CA VAL E 166 18.86 -48.58 -4.41
C VAL E 166 18.00 -47.53 -3.71
N ALA E 167 18.56 -46.91 -2.67
CA ALA E 167 17.82 -45.91 -1.91
C ALA E 167 17.45 -44.70 -2.77
N LEU E 168 18.38 -44.28 -3.62
CA LEU E 168 18.15 -43.16 -4.53
C LEU E 168 17.00 -43.46 -5.48
N LYS E 169 16.83 -44.75 -5.81
CA LYS E 169 15.76 -45.17 -6.72
C LYS E 169 14.43 -45.43 -6.02
N ALA E 170 14.44 -45.41 -4.70
CA ALA E 170 13.27 -45.85 -3.91
C ALA E 170 12.26 -44.73 -3.65
N ALA E 171 12.68 -43.50 -3.84
CA ALA E 171 11.84 -42.37 -3.47
C ALA E 171 12.37 -41.09 -4.09
N ASP E 172 11.60 -40.03 -3.97
CA ASP E 172 12.01 -38.73 -4.48
C ASP E 172 12.97 -38.06 -3.50
N VAL E 173 14.23 -38.50 -3.56
CA VAL E 173 15.26 -37.93 -2.70
C VAL E 173 16.42 -37.49 -3.57
N ARG E 174 17.31 -36.69 -2.99
CA ARG E 174 18.46 -36.15 -3.70
C ARG E 174 19.70 -36.39 -2.84
N LEU E 175 20.80 -36.77 -3.48
CA LEU E 175 22.08 -36.99 -2.77
C LEU E 175 22.70 -35.64 -2.44
N VAL E 176 22.90 -35.37 -1.14
CA VAL E 176 23.45 -34.08 -0.74
C VAL E 176 24.82 -34.17 -0.05
N ALA E 177 25.22 -35.37 0.37
CA ALA E 177 26.58 -35.56 0.82
C ALA E 177 26.95 -36.99 0.47
N PHE E 178 28.11 -37.16 -0.17
CA PHE E 178 28.55 -38.47 -0.61
C PHE E 178 29.76 -38.87 0.22
N TYR E 179 29.63 -39.99 0.93
CA TYR E 179 30.75 -40.51 1.70
C TYR E 179 31.35 -41.73 1.01
N GLY E 180 32.13 -41.49 -0.04
CA GLY E 180 32.82 -42.57 -0.73
C GLY E 180 33.75 -43.30 0.21
N PRO E 181 33.68 -44.63 0.19
CA PRO E 181 34.52 -45.38 1.13
C PRO E 181 36.00 -45.33 0.72
N PRO E 182 36.91 -45.38 1.71
CA PRO E 182 36.58 -45.54 3.13
C PRO E 182 36.41 -44.24 3.87
N SER E 183 35.47 -44.20 4.81
CA SER E 183 35.56 -43.21 5.89
C SER E 183 36.75 -43.64 6.75
N GLU E 184 37.09 -42.87 7.78
CA GLU E 184 38.17 -43.29 8.68
C GLU E 184 37.89 -44.65 9.31
N THR E 185 36.61 -44.96 9.51
CA THR E 185 36.24 -46.24 10.11
C THR E 185 36.03 -47.33 9.05
N ASN E 186 36.37 -47.02 7.80
CA ASN E 186 36.23 -47.96 6.68
C ASN E 186 34.79 -48.32 6.32
N PHE E 187 33.89 -47.34 6.48
CA PHE E 187 32.52 -47.46 6.01
C PHE E 187 32.30 -46.48 4.86
N GLY E 188 31.09 -46.45 4.33
CA GLY E 188 30.76 -45.53 3.26
C GLY E 188 29.28 -45.23 3.32
N GLY E 189 28.81 -44.37 2.43
CA GLY E 189 27.39 -44.05 2.37
C GLY E 189 27.13 -42.63 1.93
N GLY E 190 26.09 -42.01 2.48
CA GLY E 190 25.79 -40.64 2.12
C GLY E 190 24.62 -40.08 2.88
N LEU E 191 24.33 -38.81 2.64
CA LEU E 191 23.14 -38.15 3.20
C LEU E 191 22.23 -37.83 2.03
N LEU E 192 20.96 -38.16 2.18
CA LEU E 192 19.95 -37.86 1.16
C LEU E 192 18.94 -36.93 1.78
N THR E 193 18.33 -36.07 0.96
CA THR E 193 17.27 -35.19 1.44
C THR E 193 16.04 -35.26 0.53
N GLY E 194 14.91 -34.88 1.11
CA GLY E 194 13.62 -34.90 0.45
C GLY E 194 12.60 -34.67 1.55
N SER E 195 11.32 -34.93 1.27
CA SER E 195 10.32 -34.87 2.33
C SER E 195 10.65 -35.91 3.39
N GLN E 196 10.10 -35.73 4.58
CA GLN E 196 10.37 -36.72 5.63
C GLN E 196 9.94 -38.12 5.18
N SER E 197 8.77 -38.21 4.56
CA SER E 197 8.27 -39.51 4.12
C SER E 197 9.17 -40.13 3.04
N ALA E 198 9.72 -39.29 2.16
CA ALA E 198 10.66 -39.80 1.15
C ALA E 198 11.97 -40.28 1.79
N CYS E 199 12.50 -39.51 2.74
CA CYS E 199 13.71 -39.93 3.45
C CYS E 199 13.49 -41.26 4.17
N LYS E 200 12.33 -41.42 4.78
CA LYS E 200 12.01 -42.66 5.48
C LYS E 200 11.96 -43.83 4.48
N ALA E 201 11.34 -43.61 3.32
CA ALA E 201 11.31 -44.65 2.29
C ALA E 201 12.72 -45.01 1.83
N ALA E 202 13.58 -44.01 1.71
CA ALA E 202 14.98 -44.25 1.34
C ALA E 202 15.69 -45.11 2.39
N CYS E 203 15.42 -44.86 3.67
CA CYS E 203 16.04 -45.63 4.75
C CYS E 203 15.63 -47.09 4.70
N ASP E 204 14.34 -47.34 4.47
CA ASP E 204 13.84 -48.71 4.41
C ASP E 204 14.47 -49.45 3.25
N ALA E 205 14.56 -48.77 2.11
CA ALA E 205 15.14 -49.37 0.91
C ALA E 205 16.63 -49.66 1.13
N PHE E 206 17.34 -48.72 1.75
CA PHE E 206 18.79 -48.88 1.99
C PHE E 206 19.03 -50.10 2.89
N ALA E 207 18.26 -50.18 3.97
CA ALA E 207 18.38 -51.29 4.92
C ALA E 207 18.18 -52.66 4.25
N GLU E 208 17.14 -52.78 3.44
CA GLU E 208 16.82 -54.02 2.75
CA GLU E 208 16.85 -54.04 2.78
C GLU E 208 17.95 -54.40 1.78
N ALA E 209 18.47 -53.40 1.08
CA ALA E 209 19.56 -53.62 0.13
C ALA E 209 20.84 -54.12 0.80
N VAL E 210 21.19 -53.56 1.96
CA VAL E 210 22.39 -54.03 2.66
C VAL E 210 22.24 -55.49 3.07
N LYS E 211 21.07 -55.84 3.61
CA LYS E 211 20.81 -57.22 4.00
C LYS E 211 20.87 -58.14 2.78
N PHE E 212 20.37 -57.67 1.65
CA PHE E 212 20.42 -58.43 0.40
C PHE E 212 21.87 -58.78 0.02
N VAL E 213 22.77 -57.80 0.11
CA VAL E 213 24.17 -58.04 -0.22
C VAL E 213 24.81 -58.98 0.78
N ALA E 214 24.54 -58.76 2.07
CA ALA E 214 25.08 -59.64 3.10
C ALA E 214 24.70 -61.09 2.83
N ASP E 215 23.48 -61.30 2.33
CA ASP E 215 23.00 -62.65 1.99
C ASP E 215 23.59 -63.19 0.69
N ASN E 216 23.94 -62.29 -0.23
CA ASN E 216 24.34 -62.67 -1.58
C ASN E 216 25.60 -61.90 -2.02
N PRO E 217 26.72 -62.10 -1.34
CA PRO E 217 27.82 -61.17 -1.60
C PRO E 217 28.51 -61.35 -2.95
N LEU E 218 28.49 -62.57 -3.48
CA LEU E 218 29.22 -62.88 -4.71
C LEU E 218 28.29 -63.26 -5.85
N ASN E 219 26.99 -63.32 -5.57
CA ASN E 219 26.01 -63.60 -6.62
C ASN E 219 25.65 -62.31 -7.34
N TYR E 220 26.38 -62.01 -8.40
CA TYR E 220 26.20 -60.77 -9.13
C TYR E 220 25.70 -60.98 -10.56
N ALA F 3 24.48 29.71 2.84
CA ALA F 3 23.33 30.50 2.44
C ALA F 3 23.08 31.65 3.42
N LYS F 5 20.61 35.12 4.89
CA LYS F 5 19.23 35.48 5.18
C LYS F 5 18.50 35.81 3.88
N GLY F 6 17.36 35.16 3.66
CA GLY F 6 16.53 35.43 2.52
C GLY F 6 16.81 34.55 1.31
N ASP F 7 17.88 33.76 1.38
CA ASP F 7 18.23 32.86 0.28
C ASP F 7 17.28 31.68 0.25
N ARG F 8 16.87 31.26 -0.94
CA ARG F 8 16.06 30.07 -1.10
CA ARG F 8 16.05 30.06 -1.02
C ARG F 8 16.94 28.83 -0.98
N LEU F 9 16.44 27.80 -0.31
CA LEU F 9 17.20 26.58 -0.11
C LEU F 9 16.64 25.50 -1.04
N LYS F 10 17.34 25.23 -2.13
CA LYS F 10 16.83 24.33 -3.16
C LYS F 10 16.65 22.91 -2.63
N ALA F 11 15.52 22.31 -2.97
CA ALA F 11 15.24 20.91 -2.63
C ALA F 11 15.76 19.99 -3.73
N ASN F 12 16.10 18.77 -3.36
CA ASN F 12 16.65 17.80 -4.30
CA ASN F 12 16.65 17.80 -4.30
C ASN F 12 15.91 16.47 -4.25
N VAL F 13 15.66 15.90 -5.43
CA VAL F 13 15.09 14.55 -5.51
C VAL F 13 16.27 13.57 -5.48
N LEU F 14 16.19 12.58 -4.60
CA LEU F 14 17.30 11.67 -4.40
C LEU F 14 17.19 10.36 -5.17
N ALA F 15 15.96 9.88 -5.34
CA ALA F 15 15.74 8.61 -6.05
C ALA F 15 14.31 8.54 -6.57
N VAL F 16 14.11 7.81 -7.68
CA VAL F 16 12.80 7.66 -8.28
C VAL F 16 12.73 6.25 -8.88
N ARG F 17 11.57 5.61 -8.75
CA ARG F 17 11.34 4.35 -9.44
C ARG F 17 9.90 4.28 -9.89
N LEU F 18 9.70 3.69 -11.06
CA LEU F 18 8.37 3.46 -11.59
C LEU F 18 8.10 1.96 -11.56
N ILE F 19 6.98 1.56 -10.94
CA ILE F 19 6.55 0.16 -10.97
C ILE F 19 5.28 0.03 -11.82
N PRO F 20 5.40 -0.58 -13.00
CA PRO F 20 4.28 -0.62 -13.96
C PRO F 20 3.09 -1.47 -13.50
N ASN F 21 3.33 -2.54 -12.76
CA ASN F 21 2.26 -3.44 -12.34
C ASN F 21 2.54 -4.00 -10.95
N VAL F 22 2.16 -3.23 -9.93
CA VAL F 22 2.56 -3.57 -8.56
C VAL F 22 1.84 -4.83 -8.07
N ASP F 23 2.50 -5.59 -7.21
CA ASP F 23 1.91 -6.81 -6.66
C ASP F 23 0.62 -6.48 -5.90
N SER F 24 -0.37 -7.35 -6.02
CA SER F 24 -1.69 -7.05 -5.44
C SER F 24 -1.67 -6.96 -3.91
N ASP F 25 -0.78 -7.70 -3.25
CA ASP F 25 -0.63 -7.61 -1.79
C ASP F 25 -0.25 -6.19 -1.38
N ALA F 27 -0.50 -3.43 -3.30
CA ALA F 27 -1.58 -2.54 -3.71
C ALA F 27 -2.54 -2.39 -2.54
N LYS F 28 -2.89 -3.52 -1.93
CA LYS F 28 -3.81 -3.51 -0.79
C LYS F 28 -3.22 -2.77 0.40
N GLU F 29 -1.94 -2.99 0.70
CA GLU F 29 -1.31 -2.33 1.84
C GLU F 29 -1.17 -0.83 1.65
N LEU F 30 -1.08 -0.38 0.40
CA LEU F 30 -1.03 1.04 0.10
C LEU F 30 -2.41 1.66 -0.11
N GLY F 31 -3.45 0.82 -0.13
CA GLY F 31 -4.80 1.29 -0.30
C GLY F 31 -5.12 1.88 -1.66
N LEU F 32 -4.46 1.37 -2.69
CA LEU F 32 -4.73 1.84 -4.06
C LEU F 32 -6.19 1.64 -4.49
N PRO F 33 -6.70 2.36 -5.44
CA PRO F 33 -7.98 2.02 -6.08
C PRO F 33 -7.83 0.85 -7.07
N ASN F 34 -8.82 -0.03 -7.10
CA ASN F 34 -8.75 -1.26 -7.88
C ASN F 34 -8.21 -1.04 -9.28
N GLU F 35 -8.45 0.14 -9.81
CA GLU F 35 -8.04 0.48 -11.16
C GLU F 35 -6.57 0.92 -11.27
N HIS F 36 -5.87 1.09 -10.13
CA HIS F 36 -4.48 1.59 -10.13
C HIS F 36 -3.44 0.51 -9.79
N ARG F 37 -2.69 0.04 -10.78
N ARG F 37 -2.72 0.07 -10.81
CA ARG F 37 -1.63 -0.91 -10.48
CA ARG F 37 -1.68 -0.96 -10.70
C ARG F 37 -0.26 -0.43 -10.96
C ARG F 37 -0.28 -0.35 -10.78
N SER F 38 -0.18 0.83 -11.38
CA SER F 38 1.11 1.46 -11.61
C SER F 38 1.39 2.46 -10.51
N ILE F 39 2.61 2.43 -9.97
CA ILE F 39 3.00 3.42 -8.98
C ILE F 39 4.37 4.01 -9.30
N GLY F 40 4.60 5.21 -8.80
CA GLY F 40 5.85 5.92 -9.00
C GLY F 40 6.29 6.35 -7.62
N ILE F 41 7.53 6.05 -7.28
CA ILE F 41 8.03 6.30 -5.92
C ILE F 41 9.17 7.28 -6.03
N LEU F 42 9.24 8.23 -5.10
CA LEU F 42 10.40 9.13 -5.08
C LEU F 42 10.73 9.50 -3.65
N THR F 43 11.99 9.82 -3.41
CA THR F 43 12.41 10.41 -2.13
C THR F 43 13.10 11.72 -2.43
N ALA F 44 13.05 12.64 -1.46
CA ALA F 44 13.61 13.98 -1.63
C ALA F 44 14.13 14.45 -0.27
N ASP F 45 14.89 15.53 -0.28
CA ASP F 45 15.47 16.03 0.97
C ASP F 45 14.67 17.14 1.62
N CYS F 46 13.46 17.38 1.14
CA CYS F 46 12.59 18.37 1.76
C CYS F 46 11.12 17.96 1.71
N ASP F 47 10.51 17.72 2.87
CA ASP F 47 9.17 17.13 2.84
C ASP F 47 8.04 18.06 2.38
N ASP F 48 7.97 19.28 2.89
CA ASP F 48 6.82 20.12 2.53
C ASP F 48 6.85 20.60 1.08
N VAL F 49 8.04 20.78 0.53
CA VAL F 49 8.18 21.08 -0.89
C VAL F 49 7.64 19.89 -1.69
N THR F 50 7.97 18.69 -1.25
CA THR F 50 7.55 17.46 -1.92
C THR F 50 6.03 17.27 -1.86
N TYR F 51 5.43 17.55 -0.72
CA TYR F 51 3.97 17.45 -0.61
C TYR F 51 3.27 18.40 -1.58
N THR F 52 3.78 19.63 -1.66
CA THR F 52 3.29 20.60 -2.63
C THR F 52 3.46 20.10 -4.07
N ALA F 53 4.59 19.48 -4.36
CA ALA F 53 4.87 18.92 -5.68
C ALA F 53 3.93 17.77 -6.05
N LEU F 54 3.67 16.90 -5.10
CA LEU F 54 2.82 15.74 -5.32
C LEU F 54 1.42 16.24 -5.65
N ASP F 55 0.99 17.25 -4.92
CA ASP F 55 -0.33 17.84 -5.15
C ASP F 55 -0.38 18.44 -6.54
N GLU F 56 0.67 19.14 -6.91
CA GLU F 56 0.73 19.76 -8.24
C GLU F 56 0.70 18.69 -9.34
N ALA F 57 1.34 17.55 -9.06
CA ALA F 57 1.46 16.48 -10.04
C ALA F 57 0.11 15.84 -10.40
N THR F 58 -0.89 16.03 -9.55
CA THR F 58 -2.22 15.48 -9.83
C THR F 58 -2.98 16.30 -10.88
N LYS F 59 -2.44 17.45 -11.29
CA LYS F 59 -3.18 18.37 -12.14
C LYS F 59 -3.12 18.08 -13.63
N LYS F 60 -1.97 17.64 -14.13
CA LYS F 60 -1.82 17.44 -15.57
C LYS F 60 -1.79 15.96 -15.90
N ALA F 61 -1.83 15.09 -14.91
CA ALA F 61 -1.72 13.67 -15.19
C ALA F 61 -2.80 12.88 -14.46
N VAL F 62 -3.09 11.68 -14.93
CA VAL F 62 -4.10 10.85 -14.30
C VAL F 62 -3.43 10.07 -13.16
N VAL F 63 -3.22 10.74 -12.04
CA VAL F 63 -2.57 10.13 -10.88
C VAL F 63 -3.23 10.58 -9.59
N ASP F 64 -3.11 9.76 -8.56
CA ASP F 64 -3.49 10.12 -7.20
C ASP F 64 -2.23 10.07 -6.34
N VAL F 65 -2.19 10.87 -5.28
CA VAL F 65 -1.13 10.70 -4.28
C VAL F 65 -1.53 9.58 -3.33
N ALA F 66 -0.81 8.47 -3.40
CA ALA F 66 -1.17 7.26 -2.66
C ALA F 66 -0.51 7.19 -1.28
N TYR F 67 0.64 7.88 -1.13
CA TYR F 67 1.45 7.73 0.07
C TYR F 67 2.36 8.94 0.18
N GLY F 68 2.55 9.44 1.40
CA GLY F 68 3.40 10.60 1.58
C GLY F 68 3.72 10.73 3.05
N LYS F 69 4.98 10.47 3.40
CA LYS F 69 5.37 10.46 4.82
C LYS F 69 6.75 11.06 5.02
N SER F 70 6.91 11.73 6.16
CA SER F 70 8.17 12.38 6.50
C SER F 70 8.98 11.53 7.46
N PHE F 71 10.31 11.72 7.42
CA PHE F 71 11.24 10.87 8.18
C PHE F 71 11.73 11.56 9.44
N TYR F 72 11.94 10.77 10.49
CA TYR F 72 12.25 11.31 11.81
C TYR F 72 13.58 12.03 11.84
N GLY F 73 13.55 13.28 12.28
CA GLY F 73 14.77 14.05 12.46
C GLY F 73 15.12 14.91 11.26
N GLY F 74 14.42 14.70 10.15
CA GLY F 74 14.67 15.48 8.95
C GLY F 74 15.96 15.12 8.22
N ALA F 75 16.20 15.78 7.09
CA ALA F 75 17.29 15.38 6.20
C ALA F 75 18.68 15.51 6.85
N ALA F 76 18.83 16.45 7.77
CA ALA F 76 20.12 16.64 8.44
C ALA F 76 20.49 15.41 9.28
N ASN F 77 19.50 14.61 9.65
CA ASN F 77 19.71 13.41 10.45
C ASN F 77 19.57 12.11 9.62
N ALA F 78 19.51 12.24 8.31
CA ALA F 78 19.36 11.04 7.47
C ALA F 78 20.50 10.06 7.74
N ASN F 79 20.19 8.77 7.83
CA ASN F 79 21.21 7.78 8.14
C ASN F 79 21.59 6.89 6.96
N THR F 80 20.97 7.12 5.81
CA THR F 80 21.37 6.46 4.56
C THR F 80 21.30 7.48 3.41
N LYS F 81 21.95 7.13 2.30
CA LYS F 81 22.16 8.06 1.20
C LYS F 81 20.88 8.54 0.48
N LEU F 82 19.92 7.65 0.27
CA LEU F 82 18.76 8.00 -0.56
C LEU F 82 17.50 8.28 0.24
N ALA F 83 17.61 8.29 1.57
CA ALA F 83 16.43 8.54 2.40
C ALA F 83 15.91 9.98 2.34
N GLY F 84 16.81 10.95 2.47
CA GLY F 84 16.38 12.35 2.56
C GLY F 84 15.46 12.49 3.76
N GLU F 85 14.29 13.12 3.56
CA GLU F 85 13.33 13.23 4.66
C GLU F 85 11.89 12.98 4.26
N VAL F 86 11.65 12.44 3.07
CA VAL F 86 10.28 12.21 2.63
C VAL F 86 10.22 11.17 1.55
N ILE F 87 9.14 10.39 1.56
CA ILE F 87 8.84 9.51 0.44
C ILE F 87 7.43 9.81 -0.06
N GLY F 88 7.28 9.87 -1.37
CA GLY F 88 5.97 10.07 -1.97
C GLY F 88 5.73 8.96 -2.97
N ILE F 89 4.47 8.52 -3.06
CA ILE F 89 4.08 7.55 -4.07
C ILE F 89 2.87 8.09 -4.85
N LEU F 90 2.98 8.09 -6.16
CA LEU F 90 1.86 8.43 -7.03
C LEU F 90 1.32 7.12 -7.58
N SER F 91 0.00 6.98 -7.68
CA SER F 91 -0.55 5.79 -8.34
C SER F 91 -1.38 6.23 -9.54
N GLY F 92 -1.51 5.35 -10.51
CA GLY F 92 -2.29 5.67 -11.69
C GLY F 92 -2.65 4.39 -12.41
N PRO F 93 -3.52 4.52 -13.43
CA PRO F 93 -4.04 3.37 -14.16
C PRO F 93 -3.01 2.76 -15.12
N THR F 94 -2.04 3.54 -15.56
CA THR F 94 -1.05 3.05 -16.52
C THR F 94 0.31 3.68 -16.27
N PRO F 95 1.38 3.02 -16.74
CA PRO F 95 2.73 3.56 -16.57
C PRO F 95 2.92 4.91 -17.24
N ALA F 96 2.31 5.11 -18.41
CA ALA F 96 2.42 6.40 -19.09
C ALA F 96 1.91 7.55 -18.23
N GLU F 97 0.78 7.35 -17.56
CA GLU F 97 0.22 8.40 -16.71
C GLU F 97 1.08 8.63 -15.48
N VAL F 98 1.53 7.54 -14.84
CA VAL F 98 2.40 7.68 -13.68
C VAL F 98 3.72 8.38 -14.04
N LYS F 99 4.28 8.06 -15.21
CA LYS F 99 5.52 8.72 -15.64
C LYS F 99 5.34 10.22 -15.77
N SER F 100 4.19 10.62 -16.32
CA SER F 100 3.88 12.03 -16.49
C SER F 100 3.76 12.72 -15.14
N GLY F 101 3.11 12.05 -14.19
CA GLY F 101 2.99 12.59 -12.84
C GLY F 101 4.36 12.76 -12.17
N LEU F 102 5.22 11.76 -12.34
CA LEU F 102 6.57 11.83 -11.77
C LEU F 102 7.37 12.95 -12.39
N ALA F 103 7.28 13.11 -13.70
CA ALA F 103 7.96 14.22 -14.37
C ALA F 103 7.55 15.57 -13.77
N ALA F 104 6.26 15.74 -13.50
CA ALA F 104 5.75 17.00 -12.94
C ALA F 104 6.26 17.21 -11.51
N ALA F 105 6.16 16.16 -10.70
CA ALA F 105 6.61 16.24 -9.31
C ALA F 105 8.10 16.57 -9.21
N VAL F 106 8.93 15.90 -10.00
CA VAL F 106 10.37 16.09 -9.89
C VAL F 106 10.74 17.51 -10.32
N ASP F 107 10.16 17.95 -11.43
CA ASP F 107 10.39 19.31 -11.90
C ASP F 107 10.02 20.33 -10.83
N PHE F 108 8.89 20.12 -10.18
CA PHE F 108 8.40 21.06 -9.19
C PHE F 108 9.29 21.10 -7.95
N ILE F 109 9.67 19.92 -7.44
CA ILE F 109 10.51 19.86 -6.24
C ILE F 109 11.78 20.64 -6.45
N GLU F 110 12.36 20.51 -7.63
CA GLU F 110 13.68 21.08 -7.85
C GLU F 110 13.67 22.53 -8.33
N ASN F 111 12.51 23.07 -8.68
CA ASN F 111 12.46 24.41 -9.29
C ASN F 111 11.41 25.38 -8.74
N GLU F 112 10.31 24.86 -8.18
CA GLU F 112 9.11 25.68 -8.01
C GLU F 112 8.75 26.07 -6.58
N ALA F 113 9.39 25.44 -5.60
CA ALA F 113 9.12 25.75 -4.22
C ALA F 113 10.39 25.51 -3.41
N ALA F 114 10.57 26.27 -2.34
CA ALA F 114 11.77 26.13 -1.52
C ALA F 114 11.56 26.74 -0.14
N PHE F 115 12.21 26.17 0.86
CA PHE F 115 12.33 26.86 2.14
C PHE F 115 13.27 28.06 1.95
N ILE F 116 13.16 29.03 2.86
CA ILE F 116 13.96 30.26 2.80
C ILE F 116 14.70 30.41 4.10
N SER F 117 15.97 30.81 4.04
CA SER F 117 16.73 31.00 5.28
C SER F 117 16.32 32.26 6.01
N ALA F 118 16.12 32.16 7.32
CA ALA F 118 15.66 33.28 8.12
C ALA F 118 16.78 33.99 8.86
N ASN F 119 17.99 33.45 8.78
CA ASN F 119 19.13 34.10 9.43
C ASN F 119 20.41 33.96 8.61
N ASP F 120 21.51 34.50 9.14
CA ASP F 120 22.77 34.51 8.42
C ASP F 120 23.53 33.21 8.65
N ASP F 121 23.06 32.45 9.62
CA ASP F 121 23.67 31.19 10.05
C ASP F 121 23.19 30.05 9.19
N ASP F 122 22.06 30.26 8.51
CA ASP F 122 21.36 29.18 7.83
C ASP F 122 20.97 28.13 8.87
N SER F 123 20.50 28.57 10.02
CA SER F 123 20.15 27.63 11.09
C SER F 123 18.67 27.73 11.42
N ILE F 124 17.98 28.67 10.78
CA ILE F 124 16.53 28.79 10.89
C ILE F 124 15.97 28.97 9.48
N ALA F 125 14.93 28.22 9.15
CA ALA F 125 14.34 28.30 7.81
C ALA F 125 12.83 28.11 7.87
N TYR F 126 12.13 28.66 6.87
CA TYR F 126 10.69 28.57 6.84
C TYR F 126 10.19 28.34 5.42
N PHE F 127 8.96 27.84 5.35
CA PHE F 127 8.26 27.63 4.08
C PHE F 127 7.03 28.52 4.16
N ALA F 128 6.83 29.35 3.15
CA ALA F 128 5.65 30.22 3.10
C ALA F 128 5.22 30.25 1.65
N HIS F 129 4.56 29.17 1.24
CA HIS F 129 4.27 28.96 -0.17
C HIS F 129 2.79 29.18 -0.43
N CYS F 130 2.47 30.00 -1.43
CA CYS F 130 1.09 30.26 -1.78
C CYS F 130 0.72 29.36 -2.93
N ILE F 131 -0.22 28.45 -2.68
CA ILE F 131 -0.71 27.56 -3.72
C ILE F 131 -1.95 28.21 -4.34
N SER F 132 -1.83 28.63 -5.59
N SER F 132 -1.82 28.63 -5.59
CA SER F 132 -2.93 29.28 -6.29
CA SER F 132 -2.92 29.28 -6.30
C SER F 132 -4.15 28.37 -6.42
C SER F 132 -4.13 28.37 -6.43
N ARG F 133 -3.90 27.16 -6.91
CA ARG F 133 -4.97 26.20 -7.13
C ARG F 133 -4.52 24.83 -6.64
N THR F 134 -5.15 24.32 -5.60
CA THR F 134 -4.78 23.00 -5.10
C THR F 134 -5.17 21.90 -6.08
N GLY F 135 -4.38 20.82 -6.08
CA GLY F 135 -4.75 19.58 -6.75
C GLY F 135 -5.65 18.76 -5.83
N THR F 136 -5.67 17.44 -6.02
CA THR F 136 -6.58 16.58 -5.25
C THR F 136 -6.01 16.13 -3.90
N TYR F 137 -4.72 16.36 -3.67
CA TYR F 137 -4.07 15.84 -2.47
C TYR F 137 -4.14 16.84 -1.31
N LEU F 138 -3.65 18.04 -1.52
CA LEU F 138 -3.66 19.02 -0.43
C LEU F 138 -5.08 19.53 -0.13
N SER F 139 -5.95 19.53 -1.15
CA SER F 139 -7.33 19.92 -0.92
C SER F 139 -7.98 18.91 0.03
N LYS F 140 -7.77 17.63 -0.23
CA LYS F 140 -8.28 16.58 0.63
C LYS F 140 -7.69 16.69 2.05
N THR F 141 -6.39 16.92 2.14
CA THR F 141 -5.72 17.11 3.42
C THR F 141 -6.36 18.23 4.24
N ALA F 142 -6.68 19.33 3.57
CA ALA F 142 -7.18 20.52 4.24
C ALA F 142 -8.69 20.49 4.37
N GLY F 143 -9.32 19.47 3.79
CA GLY F 143 -10.76 19.33 3.88
C GLY F 143 -11.50 20.41 3.11
N ILE F 144 -10.88 20.89 2.04
CA ILE F 144 -11.50 21.91 1.19
C ILE F 144 -11.64 21.39 -0.24
N PRO F 145 -12.48 22.05 -1.05
CA PRO F 145 -12.67 21.64 -2.45
C PRO F 145 -11.41 21.79 -3.29
N GLU F 146 -11.22 20.85 -4.20
CA GLU F 146 -10.17 20.92 -5.21
C GLU F 146 -10.19 22.28 -5.92
N GLY F 147 -9.00 22.86 -6.09
CA GLY F 147 -8.88 24.13 -6.79
C GLY F 147 -8.81 25.37 -5.90
N GLU F 148 -9.19 25.25 -4.63
CA GLU F 148 -9.10 26.38 -3.70
C GLU F 148 -7.64 26.75 -3.43
N SER F 149 -7.40 27.98 -2.97
CA SER F 149 -6.05 28.43 -2.65
C SER F 149 -5.62 28.04 -1.23
N LEU F 150 -4.32 27.89 -1.04
CA LEU F 150 -3.75 27.62 0.30
C LEU F 150 -2.51 28.47 0.55
N ALA F 151 -2.32 28.85 1.81
CA ALA F 151 -1.01 29.27 2.30
C ALA F 151 -0.42 28.08 3.06
N TYR F 152 0.73 27.60 2.63
CA TYR F 152 1.37 26.43 3.25
C TYR F 152 2.51 27.00 4.06
N LEU F 153 2.36 27.00 5.37
CA LEU F 153 3.23 27.77 6.27
C LEU F 153 3.92 26.83 7.26
N ILE F 154 5.25 26.78 7.19
CA ILE F 154 6.03 25.83 8.02
C ILE F 154 7.26 26.52 8.58
N ALA F 155 7.56 26.29 9.85
CA ALA F 155 8.76 26.83 10.45
C ALA F 155 9.14 25.99 11.67
N PRO F 156 10.28 26.28 12.28
CA PRO F 156 10.57 25.51 13.50
C PRO F 156 9.53 25.79 14.58
N PRO F 157 9.47 24.97 15.63
CA PRO F 157 8.29 24.88 16.50
C PRO F 157 7.76 26.19 17.09
N LEU F 158 8.59 26.94 17.81
CA LEU F 158 8.11 28.18 18.40
C LEU F 158 7.82 29.24 17.35
N GLU F 159 8.73 29.38 16.39
CA GLU F 159 8.54 30.35 15.33
C GLU F 159 7.22 30.10 14.62
N ALA F 160 6.92 28.82 14.39
CA ALA F 160 5.72 28.44 13.65
C ALA F 160 4.45 28.82 14.38
N TYR F 162 4.07 31.14 16.80
CA TYR F 162 3.97 32.59 16.85
C TYR F 162 3.59 33.16 15.48
N ALA F 163 4.28 32.71 14.44
CA ALA F 163 4.05 33.25 13.09
C ALA F 163 2.70 32.85 12.50
N LEU F 164 2.23 31.65 12.83
CA LEU F 164 0.93 31.22 12.33
C LEU F 164 -0.15 32.15 12.88
N ASP F 165 -0.02 32.55 14.14
CA ASP F 165 -0.96 33.49 14.75
C ASP F 165 -0.92 34.85 14.04
N VAL F 166 0.28 35.31 13.72
CA VAL F 166 0.44 36.58 13.02
C VAL F 166 -0.19 36.49 11.63
N ALA F 167 0.02 35.37 10.95
CA ALA F 167 -0.53 35.16 9.61
C ALA F 167 -2.06 35.14 9.65
N LEU F 168 -2.62 34.50 10.66
CA LEU F 168 -4.07 34.47 10.84
C LEU F 168 -4.65 35.88 11.01
N LYS F 169 -3.87 36.77 11.62
CA LYS F 169 -4.33 38.13 11.85
C LYS F 169 -4.07 39.07 10.68
N ALA F 170 -3.35 38.58 9.66
CA ALA F 170 -2.90 39.47 8.58
C ALA F 170 -3.88 39.58 7.42
N ALA F 171 -4.85 38.67 7.35
CA ALA F 171 -5.75 38.65 6.21
C ALA F 171 -6.95 37.75 6.51
N ASP F 172 -7.93 37.81 5.63
CA ASP F 172 -9.14 37.00 5.78
C ASP F 172 -8.86 35.55 5.37
N VAL F 173 -8.20 34.82 6.26
CA VAL F 173 -7.88 33.43 6.02
C VAL F 173 -8.43 32.60 7.17
N ARG F 174 -8.48 31.30 6.97
CA ARG F 174 -9.02 30.37 7.97
C ARG F 174 -8.03 29.21 8.09
N LEU F 175 -7.78 28.75 9.31
CA LEU F 175 -6.89 27.60 9.54
C LEU F 175 -7.62 26.31 9.17
N VAL F 176 -7.09 25.57 8.19
CA VAL F 176 -7.76 24.35 7.76
C VAL F 176 -6.96 23.07 8.03
N ALA F 177 -5.66 23.19 8.31
CA ALA F 177 -4.89 22.08 8.80
C ALA F 177 -3.85 22.63 9.78
N PHE F 178 -3.78 22.02 10.95
CA PHE F 178 -2.88 22.49 11.99
C PHE F 178 -1.80 21.45 12.23
N TYR F 179 -0.54 21.85 12.04
CA TYR F 179 0.58 20.95 12.25
C TYR F 179 1.29 21.33 13.54
N GLY F 180 0.70 20.97 14.68
CA GLY F 180 1.31 21.25 15.97
C GLY F 180 2.67 20.58 16.01
N PRO F 181 3.71 21.30 16.44
CA PRO F 181 5.03 20.67 16.45
C PRO F 181 5.14 19.61 17.55
N PRO F 182 5.98 18.59 17.35
CA PRO F 182 6.82 18.42 16.16
C PRO F 182 6.17 17.60 15.06
N SER F 183 6.43 17.97 13.81
CA SER F 183 6.26 17.01 12.73
C SER F 183 7.41 16.02 12.88
N GLU F 184 7.47 15.00 12.02
CA GLU F 184 8.56 14.05 12.07
C GLU F 184 9.91 14.74 11.93
N THR F 185 9.95 15.83 11.15
CA THR F 185 11.20 16.58 10.99
C THR F 185 11.40 17.66 12.05
N ASN F 186 10.53 17.69 13.06
CA ASN F 186 10.62 18.67 14.16
C ASN F 186 10.34 20.11 13.73
N PHE F 187 9.43 20.26 12.77
CA PHE F 187 8.90 21.56 12.40
C PHE F 187 7.43 21.68 12.81
N GLY F 188 6.81 22.81 12.50
CA GLY F 188 5.39 22.96 12.79
C GLY F 188 4.79 23.95 11.82
N GLY F 189 3.51 24.23 11.95
CA GLY F 189 2.84 25.22 11.12
C GLY F 189 1.42 24.82 10.79
N GLY F 190 0.99 25.10 9.57
CA GLY F 190 -0.36 24.75 9.17
C GLY F 190 -0.69 25.17 7.75
N LEU F 191 -1.90 24.82 7.32
CA LEU F 191 -2.42 25.25 6.03
C LEU F 191 -3.55 26.23 6.29
N LEU F 192 -3.53 27.37 5.61
CA LEU F 192 -4.60 28.38 5.70
C LEU F 192 -5.27 28.50 4.34
N THR F 193 -6.56 28.80 4.34
CA THR F 193 -7.27 29.00 3.08
C THR F 193 -8.00 30.35 3.07
N GLY F 194 -8.32 30.81 1.87
CA GLY F 194 -8.97 32.09 1.63
C GLY F 194 -8.81 32.39 0.15
N SER F 195 -9.09 33.61 -0.28
CA SER F 195 -8.81 34.02 -1.67
C SER F 195 -7.31 33.95 -1.91
N GLN F 196 -6.90 33.87 -3.17
CA GLN F 196 -5.47 33.82 -3.45
C GLN F 196 -4.72 35.00 -2.86
N SER F 197 -5.28 36.20 -2.98
CA SER F 197 -4.59 37.38 -2.47
C SER F 197 -4.51 37.38 -0.93
N ALA F 198 -5.50 36.78 -0.28
CA ALA F 198 -5.47 36.67 1.18
C ALA F 198 -4.38 35.67 1.61
N CYS F 199 -4.32 34.52 0.94
CA CYS F 199 -3.29 33.52 1.23
C CYS F 199 -1.90 34.13 1.01
N LYS F 200 -1.77 34.95 -0.01
CA LYS F 200 -0.51 35.61 -0.29
C LYS F 200 -0.14 36.60 0.82
N ALA F 201 -1.12 37.34 1.34
CA ALA F 201 -0.86 38.25 2.45
C ALA F 201 -0.43 37.45 3.69
N ALA F 202 -1.09 36.32 3.91
CA ALA F 202 -0.75 35.46 5.05
C ALA F 202 0.68 34.95 4.95
N CYS F 203 1.10 34.59 3.75
CA CYS F 203 2.47 34.11 3.51
C CYS F 203 3.50 35.18 3.85
N ASP F 204 3.23 36.41 3.40
CA ASP F 204 4.15 37.51 3.64
C ASP F 204 4.25 37.83 5.12
N ALA F 205 3.12 37.82 5.80
CA ALA F 205 3.10 38.09 7.23
C ALA F 205 3.83 36.99 8.00
N PHE F 206 3.63 35.75 7.57
CA PHE F 206 4.24 34.59 8.22
C PHE F 206 5.76 34.70 8.11
N ALA F 207 6.25 34.97 6.91
CA ALA F 207 7.69 35.07 6.67
C ALA F 207 8.33 36.14 7.54
N GLU F 208 7.68 37.29 7.64
CA GLU F 208 8.17 38.42 8.42
C GLU F 208 8.23 38.07 9.90
N ALA F 209 7.19 37.39 10.38
CA ALA F 209 7.13 36.96 11.78
C ALA F 209 8.25 35.98 12.15
N VAL F 210 8.53 35.02 11.26
CA VAL F 210 9.61 34.07 11.55
C VAL F 210 10.94 34.80 11.67
N LYS F 211 11.22 35.71 10.75
CA LYS F 211 12.46 36.47 10.80
C LYS F 211 12.53 37.34 12.05
N PHE F 212 11.38 37.86 12.47
CA PHE F 212 11.30 38.64 13.70
C PHE F 212 11.72 37.82 14.93
N VAL F 213 11.21 36.61 15.04
CA VAL F 213 11.58 35.73 16.14
C VAL F 213 13.06 35.34 16.08
N ALA F 214 13.53 35.00 14.89
CA ALA F 214 14.94 34.65 14.71
C ALA F 214 15.82 35.80 15.20
N ASP F 215 15.37 37.03 14.95
CA ASP F 215 16.12 38.23 15.40
C ASP F 215 15.99 38.49 16.90
N ASN F 216 14.89 38.06 17.50
CA ASN F 216 14.59 38.39 18.90
C ASN F 216 14.01 37.19 19.64
N PRO F 217 14.82 36.13 19.84
CA PRO F 217 14.24 34.87 20.34
C PRO F 217 13.81 34.89 21.80
N LEU F 218 14.45 35.72 22.62
CA LEU F 218 14.18 35.73 24.05
C LEU F 218 13.53 37.03 24.52
N ASN F 219 13.35 37.97 23.60
CA ASN F 219 12.66 39.21 23.91
C ASN F 219 11.15 39.02 23.81
N TYR F 220 10.49 38.87 24.94
CA TYR F 220 9.06 38.60 24.94
C TYR F 220 8.27 39.59 25.80
#